data_5BZ7
# 
_entry.id   5BZ7 
# 
_audit_conform.dict_name       mmcif_pdbx.dic 
_audit_conform.dict_version    5.379 
_audit_conform.dict_location   http://mmcif.pdb.org/dictionaries/ascii/mmcif_pdbx.dic 
# 
loop_
_database_2.database_id 
_database_2.database_code 
_database_2.pdbx_database_accession 
_database_2.pdbx_DOI 
PDB   5BZ7         pdb_00005bz7 10.2210/pdb5bz7/pdb 
WWPDB D_1000210742 ?            ?                   
# 
loop_
_pdbx_database_related.db_name 
_pdbx_database_related.details 
_pdbx_database_related.db_id 
_pdbx_database_related.content_type 
PDB '5BXW is a related sequence forming an isomorphous structure.' 5BXW unspecified 
PDB .                                                              5BZ9 unspecified 
PDB .                                                              5BZY unspecified 
# 
_pdbx_database_status.status_code                     REL 
_pdbx_database_status.status_code_sf                  REL 
_pdbx_database_status.status_code_mr                  ? 
_pdbx_database_status.entry_id                        5BZ7 
_pdbx_database_status.recvd_initial_deposition_date   2015-06-11 
_pdbx_database_status.SG_entry                        N 
_pdbx_database_status.deposit_site                    RCSB 
_pdbx_database_status.process_site                    RCSB 
_pdbx_database_status.status_code_cs                  ? 
_pdbx_database_status.methods_development_category    ? 
_pdbx_database_status.pdb_format_compatible           Y 
_pdbx_database_status.status_code_nmr_data            ? 
# 
loop_
_audit_author.name 
_audit_author.pdbx_ordinal 
'Saoji, M.'        1 
'Paukstelis, P.J.' 2 
# 
_citation.abstract                  ? 
_citation.abstract_id_CAS           ? 
_citation.book_id_ISBN              ? 
_citation.book_publisher            ? 
_citation.book_publisher_city       ? 
_citation.book_title                ? 
_citation.coordinate_linkage        ? 
_citation.country                   US 
_citation.database_id_Medline       ? 
_citation.details                   ? 
_citation.id                        primary 
_citation.journal_abbrev            'Acta Crystallogr.,Sect.D' 
_citation.journal_id_ASTM           ABCRE6 
_citation.journal_id_CSD            ? 
_citation.journal_id_ISSN           1399-0047 
_citation.journal_full              ? 
_citation.journal_issue             ? 
_citation.journal_volume            71 
_citation.language                  ? 
_citation.page_first                2471 
_citation.page_last                 2478 
_citation.title                     'Sequence-dependent structural changes in a self-assembling DNA oligonucleotide.' 
_citation.year                      2015 
_citation.database_id_CSD           ? 
_citation.pdbx_database_id_DOI      10.1107/S1399004715019598 
_citation.pdbx_database_id_PubMed   26627654 
_citation.unpublished_flag          ? 
# 
loop_
_citation_author.citation_id 
_citation_author.name 
_citation_author.ordinal 
_citation_author.identifier_ORCID 
primary 'Saoji, M.'        1 ? 
primary 'Paukstelis, P.J.' 2 ? 
# 
_cell.angle_alpha                  90.00 
_cell.angle_alpha_esd              ? 
_cell.angle_beta                   90.00 
_cell.angle_beta_esd               ? 
_cell.angle_gamma                  120.00 
_cell.angle_gamma_esd              ? 
_cell.entry_id                     5BZ7 
_cell.details                      ? 
_cell.formula_units_Z              ? 
_cell.length_a                     26.013 
_cell.length_a_esd                 ? 
_cell.length_b                     26.013 
_cell.length_b_esd                 ? 
_cell.length_c                     122.022 
_cell.length_c_esd                 ? 
_cell.volume                       ? 
_cell.volume_esd                   ? 
_cell.Z_PDB                        6 
_cell.reciprocal_angle_alpha       ? 
_cell.reciprocal_angle_beta        ? 
_cell.reciprocal_angle_gamma       ? 
_cell.reciprocal_angle_alpha_esd   ? 
_cell.reciprocal_angle_beta_esd    ? 
_cell.reciprocal_angle_gamma_esd   ? 
_cell.reciprocal_length_a          ? 
_cell.reciprocal_length_b          ? 
_cell.reciprocal_length_c          ? 
_cell.reciprocal_length_a_esd      ? 
_cell.reciprocal_length_b_esd      ? 
_cell.reciprocal_length_c_esd      ? 
_cell.pdbx_unique_axis             ? 
# 
_symmetry.entry_id                         5BZ7 
_symmetry.cell_setting                     ? 
_symmetry.Int_Tables_number                152 
_symmetry.space_group_name_Hall            ? 
_symmetry.space_group_name_H-M             'P 31 2 1' 
_symmetry.pdbx_full_space_group_name_H-M   ? 
# 
loop_
_entity.id 
_entity.type 
_entity.src_method 
_entity.pdbx_description 
_entity.formula_weight 
_entity.pdbx_number_of_molecules 
_entity.pdbx_ec 
_entity.pdbx_mutation 
_entity.pdbx_fragment 
_entity.details 
1 polymer     syn 
;DNA (5'-D(*GP*GP*AP*AP*AP*AP*TP*TP*TP*GP*GP*AP*GP*A)-3')
;
4392.891 1  ? ? ? ? 
2 non-polymer syn 'MAGNESIUM ION'                                            24.305   2  ? ? ? ? 
3 water       nat water                                                      18.015   13 ? ? ? ? 
# 
_entity_poly.entity_id                      1 
_entity_poly.type                           polydeoxyribonucleotide 
_entity_poly.nstd_linkage                   no 
_entity_poly.nstd_monomer                   no 
_entity_poly.pdbx_seq_one_letter_code       '(DG)(DG)(DA)(DA)(DA)(DA)(DT)(DT)(DT)(DG)(DG)(DA)(DG)(DA)' 
_entity_poly.pdbx_seq_one_letter_code_can   GGAAAATTTGGAGA 
_entity_poly.pdbx_strand_id                 A 
_entity_poly.pdbx_target_identifier         ? 
# 
loop_
_entity_poly_seq.entity_id 
_entity_poly_seq.num 
_entity_poly_seq.mon_id 
_entity_poly_seq.hetero 
1 1  DG n 
1 2  DG n 
1 3  DA n 
1 4  DA n 
1 5  DA n 
1 6  DA n 
1 7  DT n 
1 8  DT n 
1 9  DT n 
1 10 DG n 
1 11 DG n 
1 12 DA n 
1 13 DG n 
1 14 DA n 
# 
_pdbx_entity_src_syn.entity_id              1 
_pdbx_entity_src_syn.pdbx_src_id            1 
_pdbx_entity_src_syn.pdbx_alt_source_flag   sample 
_pdbx_entity_src_syn.pdbx_beg_seq_num       1 
_pdbx_entity_src_syn.pdbx_end_seq_num       14 
_pdbx_entity_src_syn.organism_scientific    'synthetic construct' 
_pdbx_entity_src_syn.organism_common_name   ? 
_pdbx_entity_src_syn.ncbi_taxonomy_id       32630 
_pdbx_entity_src_syn.details                ? 
# 
_struct_ref.id                         1 
_struct_ref.db_name                    PDB 
_struct_ref.db_code                    5BZ7 
_struct_ref.pdbx_db_accession          5BZ7 
_struct_ref.pdbx_db_isoform            ? 
_struct_ref.entity_id                  1 
_struct_ref.pdbx_seq_one_letter_code   ? 
_struct_ref.pdbx_align_begin           1 
# 
_struct_ref_seq.align_id                      1 
_struct_ref_seq.ref_id                        1 
_struct_ref_seq.pdbx_PDB_id_code              5BZ7 
_struct_ref_seq.pdbx_strand_id                A 
_struct_ref_seq.seq_align_beg                 1 
_struct_ref_seq.pdbx_seq_align_beg_ins_code   ? 
_struct_ref_seq.seq_align_end                 13 
_struct_ref_seq.pdbx_seq_align_end_ins_code   ? 
_struct_ref_seq.pdbx_db_accession             5BZ7 
_struct_ref_seq.db_align_beg                  1 
_struct_ref_seq.pdbx_db_align_beg_ins_code    ? 
_struct_ref_seq.db_align_end                  13 
_struct_ref_seq.pdbx_db_align_end_ins_code    ? 
_struct_ref_seq.pdbx_auth_seq_align_beg       1 
_struct_ref_seq.pdbx_auth_seq_align_end       13 
# 
loop_
_chem_comp.id 
_chem_comp.type 
_chem_comp.mon_nstd_flag 
_chem_comp.name 
_chem_comp.pdbx_synonyms 
_chem_comp.formula 
_chem_comp.formula_weight 
DA  'DNA linking' y "2'-DEOXYADENOSINE-5'-MONOPHOSPHATE" ? 'C10 H14 N5 O6 P' 331.222 
DG  'DNA linking' y "2'-DEOXYGUANOSINE-5'-MONOPHOSPHATE" ? 'C10 H14 N5 O7 P' 347.221 
DT  'DNA linking' y "THYMIDINE-5'-MONOPHOSPHATE"         ? 'C10 H15 N2 O8 P' 322.208 
HOH non-polymer   . WATER                                ? 'H2 O'            18.015  
MG  non-polymer   . 'MAGNESIUM ION'                      ? 'Mg 2'            24.305  
# 
_exptl.absorpt_coefficient_mu     ? 
_exptl.absorpt_correction_T_max   ? 
_exptl.absorpt_correction_T_min   ? 
_exptl.absorpt_correction_type    ? 
_exptl.absorpt_process_details    ? 
_exptl.entry_id                   5BZ7 
_exptl.crystals_number            ? 
_exptl.details                    ? 
_exptl.method                     'X-RAY DIFFRACTION' 
_exptl.method_details             ? 
# 
_exptl_crystal.colour                      ? 
_exptl_crystal.density_diffrn              ? 
_exptl_crystal.density_Matthews            2.66 
_exptl_crystal.density_method              ? 
_exptl_crystal.density_percent_sol         53.78 
_exptl_crystal.description                 ? 
_exptl_crystal.F_000                       ? 
_exptl_crystal.id                          1 
_exptl_crystal.preparation                 ? 
_exptl_crystal.size_max                    ? 
_exptl_crystal.size_mid                    ? 
_exptl_crystal.size_min                    ? 
_exptl_crystal.size_rad                    ? 
_exptl_crystal.colour_lustre               ? 
_exptl_crystal.colour_modifier             ? 
_exptl_crystal.colour_primary              ? 
_exptl_crystal.density_meas                ? 
_exptl_crystal.density_meas_esd            ? 
_exptl_crystal.density_meas_gt             ? 
_exptl_crystal.density_meas_lt             ? 
_exptl_crystal.density_meas_temp           ? 
_exptl_crystal.density_meas_temp_esd       ? 
_exptl_crystal.density_meas_temp_gt        ? 
_exptl_crystal.density_meas_temp_lt        ? 
_exptl_crystal.pdbx_crystal_image_url      ? 
_exptl_crystal.pdbx_crystal_image_format   ? 
_exptl_crystal.pdbx_mosaicity              ? 
_exptl_crystal.pdbx_mosaicity_esd          ? 
# 
_exptl_crystal_grow.apparatus       ? 
_exptl_crystal_grow.atmosphere      ? 
_exptl_crystal_grow.crystal_id      1 
_exptl_crystal_grow.details         ? 
_exptl_crystal_grow.method          'VAPOR DIFFUSION, SITTING DROP' 
_exptl_crystal_grow.method_ref      ? 
_exptl_crystal_grow.pH              ? 
_exptl_crystal_grow.pressure        ? 
_exptl_crystal_grow.pressure_esd    ? 
_exptl_crystal_grow.seeding         ? 
_exptl_crystal_grow.seeding_ref     ? 
_exptl_crystal_grow.temp            296.15 
_exptl_crystal_grow.temp_details    ? 
_exptl_crystal_grow.temp_esd        ? 
_exptl_crystal_grow.time            ? 
_exptl_crystal_grow.pdbx_details    
;120mM Magnesium Formate
50mM Lithium Chloride
10% MPD
;
_exptl_crystal_grow.pdbx_pH_range   ? 
# 
_diffrn.ambient_environment    ? 
_diffrn.ambient_temp           77.15 
_diffrn.ambient_temp_details   ? 
_diffrn.ambient_temp_esd       ? 
_diffrn.crystal_id             1 
_diffrn.crystal_support        ? 
_diffrn.crystal_treatment      ? 
_diffrn.details                ? 
_diffrn.id                     1 
_diffrn.ambient_pressure       ? 
_diffrn.ambient_pressure_esd   ? 
_diffrn.ambient_pressure_gt    ? 
_diffrn.ambient_pressure_lt    ? 
_diffrn.ambient_temp_gt        ? 
_diffrn.ambient_temp_lt        ? 
# 
_diffrn_detector.details                      ? 
_diffrn_detector.detector                     PIXEL 
_diffrn_detector.diffrn_id                    1 
_diffrn_detector.type                         'PSI PILATUS 6M' 
_diffrn_detector.area_resol_mean              ? 
_diffrn_detector.dtime                        ? 
_diffrn_detector.pdbx_frames_total            ? 
_diffrn_detector.pdbx_collection_time_total   ? 
_diffrn_detector.pdbx_collection_date         2014-06-29 
# 
_diffrn_radiation.collimation                      ? 
_diffrn_radiation.diffrn_id                        1 
_diffrn_radiation.filter_edge                      ? 
_diffrn_radiation.inhomogeneity                    ? 
_diffrn_radiation.monochromator                    'Si(111)' 
_diffrn_radiation.polarisn_norm                    ? 
_diffrn_radiation.polarisn_ratio                   ? 
_diffrn_radiation.probe                            ? 
_diffrn_radiation.type                             ? 
_diffrn_radiation.xray_symbol                      ? 
_diffrn_radiation.wavelength_id                    1 
_diffrn_radiation.pdbx_monochromatic_or_laue_m_l   M 
_diffrn_radiation.pdbx_wavelength_list             ? 
_diffrn_radiation.pdbx_wavelength                  ? 
_diffrn_radiation.pdbx_diffrn_protocol             'SINGLE WAVELENGTH' 
_diffrn_radiation.pdbx_analyzer                    ? 
_diffrn_radiation.pdbx_scattering_type             x-ray 
# 
_diffrn_radiation_wavelength.id           1 
_diffrn_radiation_wavelength.wavelength   0.979200 
_diffrn_radiation_wavelength.wt           1.0 
# 
_diffrn_source.current                     ? 
_diffrn_source.details                     ? 
_diffrn_source.diffrn_id                   1 
_diffrn_source.power                       ? 
_diffrn_source.size                        ? 
_diffrn_source.source                      SYNCHROTRON 
_diffrn_source.target                      ? 
_diffrn_source.type                        'APS BEAMLINE 24-ID-C' 
_diffrn_source.voltage                     ? 
_diffrn_source.take-off_angle              ? 
_diffrn_source.pdbx_wavelength_list        0.979200 
_diffrn_source.pdbx_wavelength             ? 
_diffrn_source.pdbx_synchrotron_beamline   24-ID-C 
_diffrn_source.pdbx_synchrotron_site       APS 
# 
_reflns.B_iso_Wilson_estimate            ? 
_reflns.entry_id                         5BZ7 
_reflns.data_reduction_details           ? 
_reflns.data_reduction_method            ? 
_reflns.d_resolution_high                2.03 
_reflns.d_resolution_low                 22.53 
_reflns.details                          ? 
_reflns.limit_h_max                      ? 
_reflns.limit_h_min                      ? 
_reflns.limit_k_max                      ? 
_reflns.limit_k_min                      ? 
_reflns.limit_l_max                      ? 
_reflns.limit_l_min                      ? 
_reflns.number_all                       ? 
_reflns.number_obs                       3436 
_reflns.observed_criterion               ? 
_reflns.observed_criterion_F_max         ? 
_reflns.observed_criterion_F_min         ? 
_reflns.observed_criterion_I_max         ? 
_reflns.observed_criterion_I_min         ? 
_reflns.observed_criterion_sigma_F       ? 
_reflns.observed_criterion_sigma_I       ? 
_reflns.percent_possible_obs             99.4 
_reflns.R_free_details                   ? 
_reflns.Rmerge_F_all                     ? 
_reflns.Rmerge_F_obs                     ? 
_reflns.Friedel_coverage                 ? 
_reflns.number_gt                        ? 
_reflns.threshold_expression             ? 
_reflns.pdbx_redundancy                  10.3 
_reflns.pdbx_Rmerge_I_obs                0.111 
_reflns.pdbx_Rmerge_I_all                ? 
_reflns.pdbx_Rsym_value                  ? 
_reflns.pdbx_netI_over_av_sigmaI         ? 
_reflns.pdbx_netI_over_sigmaI            13.9 
_reflns.pdbx_res_netI_over_av_sigmaI_2   ? 
_reflns.pdbx_res_netI_over_sigmaI_2      ? 
_reflns.pdbx_chi_squared                 ? 
_reflns.pdbx_scaling_rejects             ? 
_reflns.pdbx_d_res_high_opt              ? 
_reflns.pdbx_d_res_low_opt               ? 
_reflns.pdbx_d_res_opt_method            ? 
_reflns.phase_calculation_details        ? 
_reflns.pdbx_Rrim_I_all                  ? 
_reflns.pdbx_Rpim_I_all                  ? 
_reflns.pdbx_d_opt                       ? 
_reflns.pdbx_number_measured_all         ? 
_reflns.pdbx_diffrn_id                   1 
_reflns.pdbx_ordinal                     1 
_reflns.pdbx_CC_half                     ? 
_reflns.pdbx_R_split                     ? 
# 
_reflns_shell.d_res_high                  2.03 
_reflns_shell.d_res_low                   2.09 
_reflns_shell.meanI_over_sigI_all         ? 
_reflns_shell.meanI_over_sigI_obs         1.0 
_reflns_shell.number_measured_all         ? 
_reflns_shell.number_measured_obs         ? 
_reflns_shell.number_possible             ? 
_reflns_shell.number_unique_all           ? 
_reflns_shell.number_unique_obs           ? 
_reflns_shell.percent_possible_all        97.3 
_reflns_shell.percent_possible_obs        ? 
_reflns_shell.Rmerge_F_all                ? 
_reflns_shell.Rmerge_F_obs                ? 
_reflns_shell.Rmerge_I_all                ? 
_reflns_shell.Rmerge_I_obs                0.979 
_reflns_shell.meanI_over_sigI_gt          ? 
_reflns_shell.meanI_over_uI_all           ? 
_reflns_shell.meanI_over_uI_gt            ? 
_reflns_shell.number_measured_gt          ? 
_reflns_shell.number_unique_gt            ? 
_reflns_shell.percent_possible_gt         ? 
_reflns_shell.Rmerge_F_gt                 ? 
_reflns_shell.Rmerge_I_gt                 ? 
_reflns_shell.pdbx_redundancy             6.9 
_reflns_shell.pdbx_Rsym_value             ? 
_reflns_shell.pdbx_chi_squared            ? 
_reflns_shell.pdbx_netI_over_sigmaI_all   ? 
_reflns_shell.pdbx_netI_over_sigmaI_obs   ? 
_reflns_shell.pdbx_Rrim_I_all             ? 
_reflns_shell.pdbx_Rpim_I_all             ? 
_reflns_shell.pdbx_rejects                ? 
_reflns_shell.pdbx_ordinal                1 
_reflns_shell.pdbx_diffrn_id              1 
_reflns_shell.pdbx_CC_half                ? 
_reflns_shell.pdbx_R_split                ? 
# 
_refine.aniso_B[1][1]                            -0.00 
_refine.aniso_B[1][2]                            -0.00 
_refine.aniso_B[1][3]                            -0.00 
_refine.aniso_B[2][2]                            -0.00 
_refine.aniso_B[2][3]                            0.00 
_refine.aniso_B[3][3]                            0.00 
_refine.B_iso_max                                ? 
_refine.B_iso_mean                               57.957 
_refine.B_iso_min                                ? 
_refine.correlation_coeff_Fo_to_Fc               0.961 
_refine.correlation_coeff_Fo_to_Fc_free          0.950 
_refine.details                                  'HYDROGENS HAVE BEEN ADDED IN THE RIDING POSITIONS' 
_refine.diff_density_max                         ? 
_refine.diff_density_max_esd                     ? 
_refine.diff_density_min                         ? 
_refine.diff_density_min_esd                     ? 
_refine.diff_density_rms                         ? 
_refine.diff_density_rms_esd                     ? 
_refine.entry_id                                 5BZ7 
_refine.pdbx_refine_id                           'X-RAY DIFFRACTION' 
_refine.ls_abs_structure_details                 ? 
_refine.ls_abs_structure_Flack                   ? 
_refine.ls_abs_structure_Flack_esd               ? 
_refine.ls_abs_structure_Rogers                  ? 
_refine.ls_abs_structure_Rogers_esd              ? 
_refine.ls_d_res_high                            2.03 
_refine.ls_d_res_low                             22.53 
_refine.ls_extinction_coef                       ? 
_refine.ls_extinction_coef_esd                   ? 
_refine.ls_extinction_expression                 ? 
_refine.ls_extinction_method                     ? 
_refine.ls_goodness_of_fit_all                   ? 
_refine.ls_goodness_of_fit_all_esd               ? 
_refine.ls_goodness_of_fit_obs                   ? 
_refine.ls_goodness_of_fit_obs_esd               ? 
_refine.ls_hydrogen_treatment                    ? 
_refine.ls_matrix_type                           ? 
_refine.ls_number_constraints                    ? 
_refine.ls_number_parameters                     ? 
_refine.ls_number_reflns_all                     ? 
_refine.ls_number_reflns_obs                     3092 
_refine.ls_number_reflns_R_free                  344 
_refine.ls_number_reflns_R_work                  ? 
_refine.ls_number_restraints                     ? 
_refine.ls_percent_reflns_obs                    97.78 
_refine.ls_percent_reflns_R_free                 10.0 
_refine.ls_R_factor_all                          ? 
_refine.ls_R_factor_obs                          0.23875 
_refine.ls_R_factor_R_free                       0.29340 
_refine.ls_R_factor_R_free_error                 ? 
_refine.ls_R_factor_R_free_error_details         ? 
_refine.ls_R_factor_R_work                       0.23352 
_refine.ls_R_Fsqd_factor_obs                     ? 
_refine.ls_R_I_factor_obs                        ? 
_refine.ls_redundancy_reflns_all                 ? 
_refine.ls_redundancy_reflns_obs                 ? 
_refine.ls_restrained_S_all                      ? 
_refine.ls_restrained_S_obs                      ? 
_refine.ls_shift_over_esd_max                    ? 
_refine.ls_shift_over_esd_mean                   ? 
_refine.ls_structure_factor_coef                 ? 
_refine.ls_weighting_details                     ? 
_refine.ls_weighting_scheme                      ? 
_refine.ls_wR_factor_all                         ? 
_refine.ls_wR_factor_obs                         ? 
_refine.ls_wR_factor_R_free                      ? 
_refine.ls_wR_factor_R_work                      ? 
_refine.occupancy_max                            ? 
_refine.occupancy_min                            ? 
_refine.solvent_model_details                    MASK 
_refine.solvent_model_param_bsol                 ? 
_refine.solvent_model_param_ksol                 ? 
_refine.ls_R_factor_gt                           ? 
_refine.ls_goodness_of_fit_gt                    ? 
_refine.ls_goodness_of_fit_ref                   ? 
_refine.ls_shift_over_su_max                     ? 
_refine.ls_shift_over_su_max_lt                  ? 
_refine.ls_shift_over_su_mean                    ? 
_refine.ls_shift_over_su_mean_lt                 ? 
_refine.pdbx_ls_sigma_I                          ? 
_refine.pdbx_ls_sigma_F                          ? 
_refine.pdbx_ls_sigma_Fsqd                       ? 
_refine.pdbx_data_cutoff_high_absF               ? 
_refine.pdbx_data_cutoff_high_rms_absF           ? 
_refine.pdbx_data_cutoff_low_absF                ? 
_refine.pdbx_isotropic_thermal_model             ? 
_refine.pdbx_ls_cross_valid_method               THROUGHOUT 
_refine.pdbx_method_to_determine_struct          'MOLECULAR REPLACEMENT' 
_refine.pdbx_starting_model                      5BXW 
_refine.pdbx_stereochemistry_target_values       'MAXIMUM LIKELIHOOD' 
_refine.pdbx_R_Free_selection_details            RANDOM 
_refine.pdbx_stereochem_target_val_spec_case     ? 
_refine.pdbx_overall_ESU_R                       0.201 
_refine.pdbx_overall_ESU_R_Free                  0.196 
_refine.pdbx_solvent_vdw_probe_radii             1.00 
_refine.pdbx_solvent_ion_probe_radii             0.70 
_refine.pdbx_solvent_shrinkage_radii             0.70 
_refine.pdbx_real_space_R                        ? 
_refine.pdbx_density_correlation                 ? 
_refine.pdbx_pd_number_of_powder_patterns        ? 
_refine.pdbx_pd_number_of_points                 ? 
_refine.pdbx_pd_meas_number_of_points            ? 
_refine.pdbx_pd_proc_ls_prof_R_factor            ? 
_refine.pdbx_pd_proc_ls_prof_wR_factor           ? 
_refine.pdbx_pd_Marquardt_correlation_coeff      ? 
_refine.pdbx_pd_Fsqrd_R_factor                   ? 
_refine.pdbx_pd_ls_matrix_band_width             ? 
_refine.pdbx_overall_phase_error                 ? 
_refine.pdbx_overall_SU_R_free_Cruickshank_DPI   ? 
_refine.pdbx_overall_SU_R_free_Blow_DPI          ? 
_refine.pdbx_overall_SU_R_Blow_DPI               ? 
_refine.pdbx_TLS_residual_ADP_flag               ? 
_refine.pdbx_diffrn_id                           1 
_refine.overall_SU_B                             7.263 
_refine.overall_SU_ML                            0.174 
_refine.overall_SU_R_Cruickshank_DPI             ? 
_refine.overall_SU_R_free                        ? 
_refine.overall_FOM_free_R_set                   ? 
_refine.overall_FOM_work_R_set                   ? 
_refine.pdbx_average_fsc_overall                 ? 
_refine.pdbx_average_fsc_work                    ? 
_refine.pdbx_average_fsc_free                    ? 
# 
_refine_hist.pdbx_refine_id                   'X-RAY DIFFRACTION' 
_refine_hist.cycle_id                         1 
_refine_hist.pdbx_number_atoms_protein        0 
_refine_hist.pdbx_number_atoms_nucleic_acid   293 
_refine_hist.pdbx_number_atoms_ligand         2 
_refine_hist.number_atoms_solvent             13 
_refine_hist.number_atoms_total               308 
_refine_hist.d_res_high                       2.03 
_refine_hist.d_res_low                        22.53 
# 
loop_
_refine_ls_restr.pdbx_refine_id 
_refine_ls_restr.criterion 
_refine_ls_restr.dev_ideal 
_refine_ls_restr.dev_ideal_target 
_refine_ls_restr.number 
_refine_ls_restr.rejects 
_refine_ls_restr.type 
_refine_ls_restr.weight 
_refine_ls_restr.pdbx_restraint_function 
'X-RAY DIFFRACTION' ? 0.007  0.011  331 ? r_bond_refined_d             ? ? 
'X-RAY DIFFRACTION' ? 0.001  0.020  158 ? r_bond_other_d               ? ? 
'X-RAY DIFFRACTION' ? 1.567  1.150  511 ? r_angle_refined_deg          ? ? 
'X-RAY DIFFRACTION' ? 3.377  3.000  374 ? r_angle_other_deg            ? ? 
'X-RAY DIFFRACTION' ? ?      ?      ?   ? r_dihedral_angle_1_deg       ? ? 
'X-RAY DIFFRACTION' ? ?      ?      ?   ? r_dihedral_angle_2_deg       ? ? 
'X-RAY DIFFRACTION' ? ?      ?      ?   ? r_dihedral_angle_3_deg       ? ? 
'X-RAY DIFFRACTION' ? ?      ?      ?   ? r_dihedral_angle_4_deg       ? ? 
'X-RAY DIFFRACTION' ? 0.163  0.200  42  ? r_chiral_restr               ? ? 
'X-RAY DIFFRACTION' ? 0.016  0.020  176 ? r_gen_planes_refined         ? ? 
'X-RAY DIFFRACTION' ? 0.002  0.020  70  ? r_gen_planes_other           ? ? 
'X-RAY DIFFRACTION' ? ?      ?      ?   ? r_nbd_refined                ? ? 
'X-RAY DIFFRACTION' ? ?      ?      ?   ? r_nbd_other                  ? ? 
'X-RAY DIFFRACTION' ? ?      ?      ?   ? r_nbtor_refined              ? ? 
'X-RAY DIFFRACTION' ? ?      ?      ?   ? r_nbtor_other                ? ? 
'X-RAY DIFFRACTION' ? ?      ?      ?   ? r_xyhbond_nbd_refined        ? ? 
'X-RAY DIFFRACTION' ? ?      ?      ?   ? r_xyhbond_nbd_other          ? ? 
'X-RAY DIFFRACTION' ? ?      ?      ?   ? r_metal_ion_refined          ? ? 
'X-RAY DIFFRACTION' ? ?      ?      ?   ? r_metal_ion_other            ? ? 
'X-RAY DIFFRACTION' ? ?      ?      ?   ? r_symmetry_vdw_refined       ? ? 
'X-RAY DIFFRACTION' ? ?      ?      ?   ? r_symmetry_vdw_other         ? ? 
'X-RAY DIFFRACTION' ? ?      ?      ?   ? r_symmetry_hbond_refined     ? ? 
'X-RAY DIFFRACTION' ? ?      ?      ?   ? r_symmetry_hbond_other       ? ? 
'X-RAY DIFFRACTION' ? ?      ?      ?   ? r_symmetry_metal_ion_refined ? ? 
'X-RAY DIFFRACTION' ? ?      ?      ?   ? r_symmetry_metal_ion_other   ? ? 
'X-RAY DIFFRACTION' ? ?      ?      ?   ? r_mcbond_it                  ? ? 
'X-RAY DIFFRACTION' ? ?      ?      ?   ? r_mcbond_other               ? ? 
'X-RAY DIFFRACTION' ? ?      ?      ?   ? r_mcangle_it                 ? ? 
'X-RAY DIFFRACTION' ? ?      ?      ?   ? r_mcangle_other              ? ? 
'X-RAY DIFFRACTION' ? 7.673  5.896  331 ? r_scbond_it                  ? ? 
'X-RAY DIFFRACTION' ? 7.662  5.892  332 ? r_scbond_other               ? ? 
'X-RAY DIFFRACTION' ? ?      ?      ?   ? r_scangle_it                 ? ? 
'X-RAY DIFFRACTION' ? 11.343 8.885  511 ? r_scangle_other              ? ? 
'X-RAY DIFFRACTION' ? 11.111 54.806 483 ? r_long_range_B_refined       ? ? 
'X-RAY DIFFRACTION' ? 11.106 54.773 483 ? r_long_range_B_other         ? ? 
'X-RAY DIFFRACTION' ? ?      ?      ?   ? r_rigid_bond_restr           ? ? 
'X-RAY DIFFRACTION' ? ?      ?      ?   ? r_sphericity_free            ? ? 
'X-RAY DIFFRACTION' ? ?      ?      ?   ? r_sphericity_bonded          ? ? 
# 
_refine_ls_shell.pdbx_refine_id                   'X-RAY DIFFRACTION' 
_refine_ls_shell.d_res_high                       2.03 
_refine_ls_shell.d_res_low                        2.077 
_refine_ls_shell.number_reflns_all                ? 
_refine_ls_shell.number_reflns_obs                ? 
_refine_ls_shell.number_reflns_R_free             22 
_refine_ls_shell.number_reflns_R_work             206 
_refine_ls_shell.percent_reflns_obs               91.20 
_refine_ls_shell.percent_reflns_R_free            ? 
_refine_ls_shell.R_factor_all                     ? 
_refine_ls_shell.R_factor_obs                     ? 
_refine_ls_shell.R_factor_R_free                  0.538 
_refine_ls_shell.R_factor_R_free_error            ? 
_refine_ls_shell.R_factor_R_work                  0.502 
_refine_ls_shell.redundancy_reflns_all            ? 
_refine_ls_shell.redundancy_reflns_obs            ? 
_refine_ls_shell.wR_factor_all                    ? 
_refine_ls_shell.wR_factor_obs                    ? 
_refine_ls_shell.wR_factor_R_free                 ? 
_refine_ls_shell.wR_factor_R_work                 ? 
_refine_ls_shell.pdbx_total_number_of_bins_used   20 
_refine_ls_shell.pdbx_phase_error                 ? 
_refine_ls_shell.pdbx_fsc_work                    ? 
_refine_ls_shell.pdbx_fsc_free                    ? 
# 
_struct.entry_id                     5BZ7 
_struct.title                        'X-ray crystal structure of a continuously hydrogen bonded 14mer DNA lattice.' 
_struct.pdbx_model_details           ? 
_struct.pdbx_formula_weight          ? 
_struct.pdbx_formula_weight_method   ? 
_struct.pdbx_model_type_details      ? 
_struct.pdbx_CASP_flag               ? 
# 
_struct_keywords.entry_id        5BZ7 
_struct_keywords.text            '3D DNA lattice, 14mer DNA, Self assembly, DNA' 
_struct_keywords.pdbx_keywords   DNA 
# 
loop_
_struct_asym.id 
_struct_asym.pdbx_blank_PDB_chainid_flag 
_struct_asym.pdbx_modified 
_struct_asym.entity_id 
_struct_asym.details 
A N N 1 ? 
B N N 2 ? 
C N N 2 ? 
D N N 3 ? 
# 
loop_
_struct_conn.id 
_struct_conn.conn_type_id 
_struct_conn.pdbx_leaving_atom_flag 
_struct_conn.pdbx_PDB_id 
_struct_conn.ptnr1_label_asym_id 
_struct_conn.ptnr1_label_comp_id 
_struct_conn.ptnr1_label_seq_id 
_struct_conn.ptnr1_label_atom_id 
_struct_conn.pdbx_ptnr1_label_alt_id 
_struct_conn.pdbx_ptnr1_PDB_ins_code 
_struct_conn.pdbx_ptnr1_standard_comp_id 
_struct_conn.ptnr1_symmetry 
_struct_conn.ptnr2_label_asym_id 
_struct_conn.ptnr2_label_comp_id 
_struct_conn.ptnr2_label_seq_id 
_struct_conn.ptnr2_label_atom_id 
_struct_conn.pdbx_ptnr2_label_alt_id 
_struct_conn.pdbx_ptnr2_PDB_ins_code 
_struct_conn.ptnr1_auth_asym_id 
_struct_conn.ptnr1_auth_comp_id 
_struct_conn.ptnr1_auth_seq_id 
_struct_conn.ptnr2_auth_asym_id 
_struct_conn.ptnr2_auth_comp_id 
_struct_conn.ptnr2_auth_seq_id 
_struct_conn.ptnr2_symmetry 
_struct_conn.pdbx_ptnr3_label_atom_id 
_struct_conn.pdbx_ptnr3_label_seq_id 
_struct_conn.pdbx_ptnr3_label_comp_id 
_struct_conn.pdbx_ptnr3_label_asym_id 
_struct_conn.pdbx_ptnr3_label_alt_id 
_struct_conn.pdbx_ptnr3_PDB_ins_code 
_struct_conn.details 
_struct_conn.pdbx_dist_value 
_struct_conn.pdbx_value_order 
_struct_conn.pdbx_role 
metalc1  metalc ? ? B MG .  MG ? ? ? 1_555 D HOH .  O  ? ? A MG 101 A HOH 204 5_564 ? ? ? ? ? ? ?            2.136 ? ? 
metalc2  metalc ? ? B MG .  MG ? ? ? 1_555 D HOH .  O  ? ? A MG 101 A HOH 213 1_555 ? ? ? ? ? ? ?            2.083 ? ? 
hydrog1  hydrog ? ? A DG 1  N1 ? ? ? 1_555 A DG  11 N7 ? ? A DG 1   A DG  11  4_555 ? ? ? ? ? ? TYPE_7_PAIR  ?     ? ? 
hydrog2  hydrog ? ? A DG 1  N2 ? ? ? 1_555 A DG  11 O6 ? ? A DG 1   A DG  11  4_555 ? ? ? ? ? ? TYPE_7_PAIR  ?     ? ? 
hydrog3  hydrog ? ? A DA 3  N6 ? ? ? 1_555 A DG  10 N3 ? ? A DA 3   A DG  10  4_555 ? ? ? ? ? ? TYPE_11_PAIR ?     ? ? 
hydrog4  hydrog ? ? A DA 3  N7 ? ? ? 1_555 A DG  10 N2 ? ? A DA 3   A DG  10  4_555 ? ? ? ? ? ? TYPE_11_PAIR ?     ? ? 
hydrog5  hydrog ? ? A DA 4  N1 ? ? ? 1_555 A DT  9  N3 ? ? A DA 4   A DT  9   4_555 ? ? ? ? ? ? WATSON-CRICK ?     ? ? 
hydrog6  hydrog ? ? A DA 4  N6 ? ? ? 1_555 A DT  9  O4 ? ? A DA 4   A DT  9   4_555 ? ? ? ? ? ? WATSON-CRICK ?     ? ? 
hydrog7  hydrog ? ? A DA 5  N1 ? ? ? 1_555 A DT  8  N3 ? ? A DA 5   A DT  8   4_555 ? ? ? ? ? ? WATSON-CRICK ?     ? ? 
hydrog8  hydrog ? ? A DA 5  N6 ? ? ? 1_555 A DT  8  O4 ? ? A DA 5   A DT  8   4_555 ? ? ? ? ? ? WATSON-CRICK ?     ? ? 
hydrog9  hydrog ? ? A DA 6  N1 ? ? ? 1_555 A DT  7  N3 ? ? A DA 6   A DT  7   4_555 ? ? ? ? ? ? WATSON-CRICK ?     ? ? 
hydrog10 hydrog ? ? A DA 6  N6 ? ? ? 1_555 A DT  7  O4 ? ? A DA 6   A DT  7   4_555 ? ? ? ? ? ? WATSON-CRICK ?     ? ? 
hydrog11 hydrog ? ? A DT 7  N3 ? ? ? 1_555 A DA  6  N1 ? ? A DT 7   A DA  6   4_555 ? ? ? ? ? ? WATSON-CRICK ?     ? ? 
hydrog12 hydrog ? ? A DT 7  O4 ? ? ? 1_555 A DA  6  N6 ? ? A DT 7   A DA  6   4_555 ? ? ? ? ? ? WATSON-CRICK ?     ? ? 
hydrog13 hydrog ? ? A DT 8  N3 ? ? ? 1_555 A DA  5  N1 ? ? A DT 8   A DA  5   4_555 ? ? ? ? ? ? WATSON-CRICK ?     ? ? 
hydrog14 hydrog ? ? A DT 8  O4 ? ? ? 1_555 A DA  5  N6 ? ? A DT 8   A DA  5   4_555 ? ? ? ? ? ? WATSON-CRICK ?     ? ? 
hydrog15 hydrog ? ? A DT 9  N3 ? ? ? 1_555 A DA  4  N1 ? ? A DT 9   A DA  4   4_555 ? ? ? ? ? ? WATSON-CRICK ?     ? ? 
hydrog16 hydrog ? ? A DT 9  O4 ? ? ? 1_555 A DA  4  N6 ? ? A DT 9   A DA  4   4_555 ? ? ? ? ? ? WATSON-CRICK ?     ? ? 
hydrog17 hydrog ? ? A DG 10 N2 ? ? ? 1_555 A DA  3  N7 ? ? A DG 10  A DA  3   4_555 ? ? ? ? ? ? TYPE_11_PAIR ?     ? ? 
hydrog18 hydrog ? ? A DG 10 N3 ? ? ? 1_555 A DA  3  N6 ? ? A DG 10  A DA  3   4_555 ? ? ? ? ? ? TYPE_11_PAIR ?     ? ? 
hydrog19 hydrog ? ? A DG 11 N7 ? ? ? 1_555 A DG  1  N1 ? ? A DG 11  A DG  1   4_555 ? ? ? ? ? ? TYPE_7_PAIR  ?     ? ? 
hydrog20 hydrog ? ? A DG 11 O6 ? ? ? 1_555 A DG  1  N2 ? ? A DG 11  A DG  1   4_555 ? ? ? ? ? ? TYPE_7_PAIR  ?     ? ? 
# 
loop_
_struct_conn_type.id 
_struct_conn_type.criteria 
_struct_conn_type.reference 
metalc ? ? 
hydrog ? ? 
# 
_struct_site.id                   AC1 
_struct_site.pdbx_evidence_code   Software 
_struct_site.pdbx_auth_asym_id    A 
_struct_site.pdbx_auth_comp_id    MG 
_struct_site.pdbx_auth_seq_id     101 
_struct_site.pdbx_auth_ins_code   ? 
_struct_site.pdbx_num_residues    3 
_struct_site.details              'binding site for residue MG A 101' 
# 
loop_
_struct_site_gen.id 
_struct_site_gen.site_id 
_struct_site_gen.pdbx_num_res 
_struct_site_gen.label_comp_id 
_struct_site_gen.label_asym_id 
_struct_site_gen.label_seq_id 
_struct_site_gen.pdbx_auth_ins_code 
_struct_site_gen.auth_comp_id 
_struct_site_gen.auth_asym_id 
_struct_site_gen.auth_seq_id 
_struct_site_gen.label_atom_id 
_struct_site_gen.label_alt_id 
_struct_site_gen.symmetry 
_struct_site_gen.details 
1 AC1 3 DG  A 1 ? DG  A 1   . ? 4_565 ? 
2 AC1 3 HOH D . ? HOH A 204 . ? 5_564 ? 
3 AC1 3 HOH D . ? HOH A 213 . ? 1_555 ? 
# 
_atom_sites.entry_id                    5BZ7 
_atom_sites.fract_transf_matrix[1][1]   -0.00646226 
_atom_sites.fract_transf_matrix[1][2]   0.01422358 
_atom_sites.fract_transf_matrix[1][3]   -0.04154918 
_atom_sites.fract_transf_matrix[2][1]   0.00535914 
_atom_sites.fract_transf_matrix[2][2]   0.04295111 
_atom_sites.fract_transf_matrix[2][3]   -0.00984201 
_atom_sites.fract_transf_matrix[3][1]   0.00789817 
_atom_sites.fract_transf_matrix[3][2]   -0.00137481 
_atom_sites.fract_transf_matrix[3][3]   -0.00169906 
_atom_sites.fract_transf_vector[1]      -0.121973 
_atom_sites.fract_transf_vector[2]      0.009685 
_atom_sites.fract_transf_vector[3]      -0.032620 
# 
loop_
_atom_type.symbol 
C  
MG 
N  
O  
P  
# 
loop_
_atom_site.group_PDB 
_atom_site.id 
_atom_site.type_symbol 
_atom_site.label_atom_id 
_atom_site.label_alt_id 
_atom_site.label_comp_id 
_atom_site.label_asym_id 
_atom_site.label_entity_id 
_atom_site.label_seq_id 
_atom_site.pdbx_PDB_ins_code 
_atom_site.Cartn_x 
_atom_site.Cartn_y 
_atom_site.Cartn_z 
_atom_site.occupancy 
_atom_site.B_iso_or_equiv 
_atom_site.pdbx_formal_charge 
_atom_site.auth_seq_id 
_atom_site.auth_comp_id 
_atom_site.auth_asym_id 
_atom_site.auth_atom_id 
_atom_site.pdbx_PDB_model_num 
ATOM   1   O  "O5'" . DG  A 1 1  ? 23.848  -7.415  -2.993  1.00 61.33  ? 1   DG  A "O5'" 1 
ATOM   2   C  "C5'" . DG  A 1 1  ? 24.425  -6.086  -3.187  1.00 60.86  ? 1   DG  A "C5'" 1 
ATOM   3   C  "C4'" . DG  A 1 1  ? 23.484  -5.191  -3.964  1.00 57.06  ? 1   DG  A "C4'" 1 
ATOM   4   O  "O4'" . DG  A 1 1  ? 23.042  -5.669  -5.263  1.00 53.93  ? 1   DG  A "O4'" 1 
ATOM   5   C  "C3'" . DG  A 1 1  ? 22.277  -4.538  -3.309  1.00 52.01  ? 1   DG  A "C3'" 1 
ATOM   6   O  "O3'" . DG  A 1 1  ? 22.168  -3.160  -3.684  1.00 65.03  ? 1   DG  A "O3'" 1 
ATOM   7   C  "C2'" . DG  A 1 1  ? 21.138  -5.336  -3.917  1.00 48.87  ? 1   DG  A "C2'" 1 
ATOM   8   C  "C1'" . DG  A 1 1  ? 21.623  -5.594  -5.343  1.00 45.80  ? 1   DG  A "C1'" 1 
ATOM   9   N  N9    . DG  A 1 1  ? 21.137  -6.832  -5.951  1.00 41.63  ? 1   DG  A N9    1 
ATOM   10  C  C8    . DG  A 1 1  ? 21.033  -8.052  -5.325  1.00 40.46  ? 1   DG  A C8    1 
ATOM   11  N  N7    . DG  A 1 1  ? 20.573  -8.993  -6.108  1.00 43.74  ? 1   DG  A N7    1 
ATOM   12  C  C5    . DG  A 1 1  ? 20.395  -8.367  -7.335  1.00 38.86  ? 1   DG  A C5    1 
ATOM   13  C  C6    . DG  A 1 1  ? 19.922  -8.883  -8.561  1.00 42.68  ? 1   DG  A C6    1 
ATOM   14  O  O6    . DG  A 1 1  ? 19.551  -10.038 -8.819  1.00 46.01  ? 1   DG  A O6    1 
ATOM   15  N  N1    . DG  A 1 1  ? 19.871  -7.898  -9.545  1.00 39.13  ? 1   DG  A N1    1 
ATOM   16  C  C2    . DG  A 1 1  ? 20.267  -6.594  -9.374  1.00 38.73  ? 1   DG  A C2    1 
ATOM   17  N  N2    . DG  A 1 1  ? 20.170  -5.807  -10.447 1.00 47.33  ? 1   DG  A N2    1 
ATOM   18  N  N3    . DG  A 1 1  ? 20.722  -6.102  -8.236  1.00 41.76  ? 1   DG  A N3    1 
ATOM   19  C  C4    . DG  A 1 1  ? 20.759  -7.037  -7.263  1.00 39.01  ? 1   DG  A C4    1 
ATOM   20  P  P     . DG  A 1 2  ? 21.095  -2.159  -2.944  1.00 75.92  ? 2   DG  A P     1 
ATOM   21  O  OP1   . DG  A 1 2  ? 21.615  -0.782  -3.105  1.00 77.41  ? 2   DG  A OP1   1 
ATOM   22  O  OP2   . DG  A 1 2  ? 20.746  -2.744  -1.601  1.00 77.41  ? 2   DG  A OP2   1 
ATOM   23  O  "O5'" . DG  A 1 2  ? 19.743  -2.235  -3.790  1.00 60.97  ? 2   DG  A "O5'" 1 
ATOM   24  C  "C5'" . DG  A 1 2  ? 19.741  -1.989  -5.197  1.00 57.36  ? 2   DG  A "C5'" 1 
ATOM   25  C  "C4'" . DG  A 1 2  ? 18.439  -2.451  -5.809  1.00 62.06  ? 2   DG  A "C4'" 1 
ATOM   26  O  "O4'" . DG  A 1 2  ? 18.351  -3.896  -5.812  1.00 57.50  ? 2   DG  A "O4'" 1 
ATOM   27  C  "C3'" . DG  A 1 2  ? 17.179  -1.980  -5.086  1.00 59.63  ? 2   DG  A "C3'" 1 
ATOM   28  O  "O3'" . DG  A 1 2  ? 16.114  -1.855  -6.033  1.00 62.85  ? 2   DG  A "O3'" 1 
ATOM   29  C  "C2'" . DG  A 1 2  ? 16.861  -3.148  -4.174  1.00 58.40  ? 2   DG  A "C2'" 1 
ATOM   30  C  "C1'" . DG  A 1 2  ? 17.173  -4.298  -5.105  1.00 57.51  ? 2   DG  A "C1'" 1 
ATOM   31  N  N9    . DG  A 1 2  ? 17.444  -5.592  -4.488  1.00 41.68  ? 2   DG  A N9    1 
ATOM   32  C  C8    . DG  A 1 2  ? 17.919  -5.874  -3.225  1.00 43.01  ? 2   DG  A C8    1 
ATOM   33  N  N7    . DG  A 1 2  ? 18.096  -7.152  -3.019  1.00 45.56  ? 2   DG  A N7    1 
ATOM   34  C  C5    . DG  A 1 2  ? 17.722  -7.744  -4.220  1.00 40.50  ? 2   DG  A C5    1 
ATOM   35  C  C6    . DG  A 1 2  ? 17.733  -9.105  -4.618  1.00 51.55  ? 2   DG  A C6    1 
ATOM   36  O  O6    . DG  A 1 2  ? 18.048  -10.105 -3.948  1.00 52.28  ? 2   DG  A O6    1 
ATOM   37  N  N1    . DG  A 1 2  ? 17.297  -9.257  -5.935  1.00 45.09  ? 2   DG  A N1    1 
ATOM   38  C  C2    . DG  A 1 2  ? 16.926  -8.227  -6.765  1.00 42.52  ? 2   DG  A C2    1 
ATOM   39  N  N2    . DG  A 1 2  ? 16.532  -8.567  -8.009  1.00 43.26  ? 2   DG  A N2    1 
ATOM   40  N  N3    . DG  A 1 2  ? 16.918  -6.957  -6.403  1.00 37.26  ? 2   DG  A N3    1 
ATOM   41  C  C4    . DG  A 1 2  ? 17.324  -6.790  -5.134  1.00 38.12  ? 2   DG  A C4    1 
ATOM   42  P  P     . DA  A 1 3  ? 15.552  -0.412  -6.396  1.00 70.02  ? 3   DA  A P     1 
ATOM   43  O  OP1   . DA  A 1 3  ? 16.737  0.479   -6.508  1.00 77.41  ? 3   DA  A OP1   1 
ATOM   44  O  OP2   . DA  A 1 3  ? 14.486  -0.079  -5.402  1.00 75.78  ? 3   DA  A OP2   1 
ATOM   45  O  "O5'" . DA  A 1 3  ? 14.887  -0.661  -7.824  1.00 63.76  ? 3   DA  A "O5'" 1 
ATOM   46  C  "C5'" . DA  A 1 3  ? 15.715  -0.637  -8.995  1.00 57.48  ? 3   DA  A "C5'" 1 
ATOM   47  C  "C4'" . DA  A 1 3  ? 14.968  -1.212  -10.170 1.00 61.05  ? 3   DA  A "C4'" 1 
ATOM   48  O  "O4'" . DA  A 1 3  ? 14.865  -2.631  -9.966  1.00 56.92  ? 3   DA  A "O4'" 1 
ATOM   49  C  "C3'" . DA  A 1 3  ? 13.531  -0.733  -10.350 1.00 63.97  ? 3   DA  A "C3'" 1 
ATOM   50  O  "O3'" . DA  A 1 3  ? 13.174  -0.795  -11.733 1.00 69.40  ? 3   DA  A "O3'" 1 
ATOM   51  C  "C2'" . DA  A 1 3  ? 12.726  -1.776  -9.595  1.00 60.13  ? 3   DA  A "C2'" 1 
ATOM   52  C  "C1'" . DA  A 1 3  ? 13.509  -3.031  -9.898  1.00 54.00  ? 3   DA  A "C1'" 1 
ATOM   53  N  N9    . DA  A 1 3  ? 13.416  -4.077  -8.880  1.00 44.41  ? 3   DA  A N9    1 
ATOM   54  C  C8    . DA  A 1 3  ? 13.947  -4.080  -7.613  1.00 40.33  ? 3   DA  A C8    1 
ATOM   55  N  N7    . DA  A 1 3  ? 13.733  -5.198  -6.956  1.00 48.40  ? 3   DA  A N7    1 
ATOM   56  C  C5    . DA  A 1 3  ? 13.052  -5.998  -7.870  1.00 38.46  ? 3   DA  A C5    1 
ATOM   57  C  C6    . DA  A 1 3  ? 12.514  -7.298  -7.780  1.00 43.16  ? 3   DA  A C6    1 
ATOM   58  N  N6    . DA  A 1 3  ? 12.598  -8.066  -6.693  1.00 47.87  ? 3   DA  A N6    1 
ATOM   59  N  N1    . DA  A 1 3  ? 11.882  -7.790  -8.866  1.00 44.10  ? 3   DA  A N1    1 
ATOM   60  C  C2    . DA  A 1 3  ? 11.786  -7.022  -9.959  1.00 48.48  ? 3   DA  A C2    1 
ATOM   61  N  N3    . DA  A 1 3  ? 12.245  -5.786  -10.162 1.00 48.02  ? 3   DA  A N3    1 
ATOM   62  C  C4    . DA  A 1 3  ? 12.879  -5.328  -9.068  1.00 40.25  ? 3   DA  A C4    1 
ATOM   63  P  P     . DA  A 1 4  ? 11.860  -0.037  -12.238 1.00 80.87  ? 4   DA  A P     1 
ATOM   64  O  OP1   . DA  A 1 4  ? 11.988  0.155   -13.709 1.00 81.77  ? 4   DA  A OP1   1 
ATOM   65  O  OP2   . DA  A 1 4  ? 11.672  1.152   -11.341 1.00 68.78  ? 4   DA  A OP2   1 
ATOM   66  O  "O5'" . DA  A 1 4  ? 10.705  -1.110  -11.952 1.00 73.11  ? 4   DA  A "O5'" 1 
ATOM   67  C  "C5'" . DA  A 1 4  ? 10.393  -2.225  -12.832 1.00 62.19  ? 4   DA  A "C5'" 1 
ATOM   68  C  "C4'" . DA  A 1 4  ? 9.304   -3.094  -12.231 1.00 68.06  ? 4   DA  A "C4'" 1 
ATOM   69  O  "O4'" . DA  A 1 4  ? 9.713   -3.573  -10.923 1.00 63.45  ? 4   DA  A "O4'" 1 
ATOM   70  C  "C3'" . DA  A 1 4  ? 7.935   -2.435  -11.997 1.00 69.40  ? 4   DA  A "C3'" 1 
ATOM   71  O  "O3'" . DA  A 1 4  ? 6.867   -3.393  -12.042 1.00 77.77  ? 4   DA  A "O3'" 1 
ATOM   72  C  "C2'" . DA  A 1 4  ? 7.990   -2.036  -10.535 1.00 62.71  ? 4   DA  A "C2'" 1 
ATOM   73  C  "C1'" . DA  A 1 4  ? 8.702   -3.245  -9.968  1.00 53.42  ? 4   DA  A "C1'" 1 
ATOM   74  N  N9    . DA  A 1 4  ? 9.347   -3.056  -8.669  1.00 48.66  ? 4   DA  A N9    1 
ATOM   75  C  C8    . DA  A 1 4  ? 9.834   -1.913  -8.082  1.00 46.06  ? 4   DA  A C8    1 
ATOM   76  N  N7    . DA  A 1 4  ? 10.344  -2.110  -6.888  1.00 45.68  ? 4   DA  A N7    1 
ATOM   77  C  C5    . DA  A 1 4  ? 10.201  -3.476  -6.684  1.00 42.42  ? 4   DA  A C5    1 
ATOM   78  C  C6    . DA  A 1 4  ? 10.559  -4.315  -5.619  1.00 43.68  ? 4   DA  A C6    1 
ATOM   79  N  N6    . DA  A 1 4  ? 11.183  -3.888  -4.520  1.00 52.26  ? 4   DA  A N6    1 
ATOM   80  N  N1    . DA  A 1 4  ? 10.259  -5.627  -5.724  1.00 45.54  ? 4   DA  A N1    1 
ATOM   81  C  C2    . DA  A 1 4  ? 9.654   -6.062  -6.838  1.00 49.77  ? 4   DA  A C2    1 
ATOM   82  N  N3    . DA  A 1 4  ? 9.275   -5.373  -7.911  1.00 50.01  ? 4   DA  A N3    1 
ATOM   83  C  C4    . DA  A 1 4  ? 9.574   -4.069  -7.764  1.00 44.71  ? 4   DA  A C4    1 
ATOM   84  P  P     . DA  A 1 5  ? 5.600   -3.147  -12.986 1.00 78.15  ? 5   DA  A P     1 
ATOM   85  O  OP1   . DA  A 1 5  ? 6.106   -2.794  -14.335 1.00 102.49 ? 5   DA  A OP1   1 
ATOM   86  O  OP2   . DA  A 1 5  ? 4.654   -2.242  -12.282 1.00 69.51  ? 5   DA  A OP2   1 
ATOM   87  O  "O5'" . DA  A 1 5  ? 4.914   -4.583  -13.103 1.00 83.33  ? 5   DA  A "O5'" 1 
ATOM   88  C  "C5'" . DA  A 1 5  ? 5.604   -5.819  -12.854 1.00 78.84  ? 5   DA  A "C5'" 1 
ATOM   89  C  "C4'" . DA  A 1 5  ? 5.007   -6.542  -11.663 1.00 80.88  ? 5   DA  A "C4'" 1 
ATOM   90  O  "O4'" . DA  A 1 5  ? 5.628   -6.123  -10.422 1.00 74.51  ? 5   DA  A "O4'" 1 
ATOM   91  C  "C3'" . DA  A 1 5  ? 3.496   -6.400  -11.442 1.00 76.70  ? 5   DA  A "C3'" 1 
ATOM   92  O  "O3'" . DA  A 1 5  ? 3.003   -7.742  -11.384 1.00 89.20  ? 5   DA  A "O3'" 1 
ATOM   93  C  "C2'" . DA  A 1 5  ? 3.385   -5.586  -10.158 1.00 59.51  ? 5   DA  A "C2'" 1 
ATOM   94  C  "C1'" . DA  A 1 5  ? 4.638   -5.997  -9.419  1.00 62.52  ? 5   DA  A "C1'" 1 
ATOM   95  N  N9    . DA  A 1 5  ? 5.167   -5.080  -8.410  1.00 50.29  ? 5   DA  A N9    1 
ATOM   96  C  C8    . DA  A 1 5  ? 5.325   -3.715  -8.460  1.00 53.35  ? 5   DA  A C8    1 
ATOM   97  N  N7    . DA  A 1 5  ? 5.937   -3.215  -7.411  1.00 44.00  ? 5   DA  A N7    1 
ATOM   98  C  C5    . DA  A 1 5  ? 6.244   -4.333  -6.643  1.00 42.73  ? 5   DA  A C5    1 
ATOM   99  C  C6    . DA  A 1 5  ? 6.884   -4.480  -5.397  1.00 41.47  ? 5   DA  A C6    1 
ATOM   100 N  N6    . DA  A 1 5  ? 7.389   -3.460  -4.692  1.00 48.25  ? 5   DA  A N6    1 
ATOM   101 N  N1    . DA  A 1 5  ? 7.017   -5.728  -4.905  1.00 49.90  ? 5   DA  A N1    1 
ATOM   102 C  C2    . DA  A 1 5  ? 6.529   -6.758  -5.622  1.00 55.76  ? 5   DA  A C2    1 
ATOM   103 N  N3    . DA  A 1 5  ? 5.912   -6.747  -6.802  1.00 50.14  ? 5   DA  A N3    1 
ATOM   104 C  C4    . DA  A 1 5  ? 5.794   -5.489  -7.260  1.00 47.87  ? 5   DA  A C4    1 
ATOM   105 P  P     . DA  A 1 6  ? 1.527   -8.057  -10.886 1.00 98.12  ? 6   DA  A P     1 
ATOM   106 O  OP1   . DA  A 1 6  ? 1.003   -9.158  -11.729 1.00 84.57  ? 6   DA  A OP1   1 
ATOM   107 O  OP2   . DA  A 1 6  ? 0.779   -6.777  -10.760 1.00 94.38  ? 6   DA  A OP2   1 
ATOM   108 O  "O5'" . DA  A 1 6  ? 1.767   -8.626  -9.418  1.00 92.84  ? 6   DA  A "O5'" 1 
ATOM   109 C  "C5'" . DA  A 1 6  ? 2.374   -9.912  -9.216  1.00 82.95  ? 6   DA  A "C5'" 1 
ATOM   110 C  "C4'" . DA  A 1 6  ? 2.263   -10.294 -7.760  1.00 77.83  ? 6   DA  A "C4'" 1 
ATOM   111 O  "O4'" . DA  A 1 6  ? 2.895   -9.282  -6.944  1.00 77.25  ? 6   DA  A "O4'" 1 
ATOM   112 C  "C3'" . DA  A 1 6  ? 0.829   -10.391 -7.255  1.00 77.74  ? 6   DA  A "C3'" 1 
ATOM   113 O  "O3'" . DA  A 1 6  ? 0.743   -11.509 -6.365  1.00 90.36  ? 6   DA  A "O3'" 1 
ATOM   114 C  "C2'" . DA  A 1 6  ? 0.592   -9.027  -6.631  1.00 72.08  ? 6   DA  A "C2'" 1 
ATOM   115 C  "C1'" . DA  A 1 6  ? 1.954   -8.708  -6.051  1.00 67.25  ? 6   DA  A "C1'" 1 
ATOM   116 N  N9    . DA  A 1 6  ? 2.285   -7.287  -5.890  1.00 53.37  ? 6   DA  A N9    1 
ATOM   117 C  C8    . DA  A 1 6  ? 2.002   -6.225  -6.713  1.00 51.38  ? 6   DA  A C8    1 
ATOM   118 N  N7    . DA  A 1 6  ? 2.459   -5.076  -6.268  1.00 51.00  ? 6   DA  A N7    1 
ATOM   119 C  C5    . DA  A 1 6  ? 3.087   -5.407  -5.076  1.00 42.67  ? 6   DA  A C5    1 
ATOM   120 C  C6    . DA  A 1 6  ? 3.738   -4.635  -4.108  1.00 40.74  ? 6   DA  A C6    1 
ATOM   121 N  N6    . DA  A 1 6  ? 3.911   -3.321  -4.201  1.00 52.40  ? 6   DA  A N6    1 
ATOM   122 N  N1    . DA  A 1 6  ? 4.210   -5.267  -3.017  1.00 45.61  ? 6   DA  A N1    1 
ATOM   123 C  C2    . DA  A 1 6  ? 4.027   -6.584  -2.911  1.00 41.51  ? 6   DA  A C2    1 
ATOM   124 N  N3    . DA  A 1 6  ? 3.427   -7.418  -3.748  1.00 46.32  ? 6   DA  A N3    1 
ATOM   125 C  C4    . DA  A 1 6  ? 2.962   -6.759  -4.817  1.00 47.26  ? 6   DA  A C4    1 
ATOM   126 P  P     . DT  A 1 7  ? -0.616  -11.818 -5.563  1.00 107.50 ? 7   DT  A P     1 
ATOM   127 O  OP1   . DT  A 1 7  ? -0.682  -13.277 -5.303  1.00 85.69  ? 7   DT  A OP1   1 
ATOM   128 O  OP2   . DT  A 1 7  ? -1.745  -11.123 -6.247  1.00 108.17 ? 7   DT  A OP2   1 
ATOM   129 O  "O5'" . DT  A 1 7  ? -0.316  -11.141 -4.163  1.00 76.94  ? 7   DT  A "O5'" 1 
ATOM   130 C  "C5'" . DT  A 1 7  ? 0.958   -11.369 -3.570  1.00 76.78  ? 7   DT  A "C5'" 1 
ATOM   131 C  "C4'" . DT  A 1 7  ? 0.943   -10.790 -2.182  1.00 83.19  ? 7   DT  A "C4'" 1 
ATOM   132 O  "O4'" . DT  A 1 7  ? 1.266   -9.382  -2.241  1.00 76.44  ? 7   DT  A "O4'" 1 
ATOM   133 C  "C3'" . DT  A 1 7  ? -0.426  -10.883 -1.504  1.00 92.00  ? 7   DT  A "C3'" 1 
ATOM   134 O  "O3'" . DT  A 1 7  ? -0.169  -11.280 -0.151  1.00 100.06 ? 7   DT  A "O3'" 1 
ATOM   135 C  "C2'" . DT  A 1 7  ? -0.996  -9.485  -1.681  1.00 81.55  ? 7   DT  A "C2'" 1 
ATOM   136 C  "C1'" . DT  A 1 7  ? 0.269   -8.657  -1.534  1.00 76.16  ? 7   DT  A "C1'" 1 
ATOM   137 N  N1    . DT  A 1 7  ? 0.237   -7.296  -2.083  1.00 55.49  ? 7   DT  A N1    1 
ATOM   138 C  C2    . DT  A 1 7  ? 0.855   -6.292  -1.374  1.00 50.25  ? 7   DT  A C2    1 
ATOM   139 O  O2    . DT  A 1 7  ? 1.398   -6.470  -0.298  1.00 57.99  ? 7   DT  A O2    1 
ATOM   140 N  N3    . DT  A 1 7  ? 0.820   -5.061  -1.978  1.00 53.83  ? 7   DT  A N3    1 
ATOM   141 C  C4    . DT  A 1 7  ? 0.273   -4.750  -3.206  1.00 50.74  ? 7   DT  A C4    1 
ATOM   142 O  O4    . DT  A 1 7  ? 0.331   -3.595  -3.625  1.00 54.53  ? 7   DT  A O4    1 
ATOM   143 C  C5    . DT  A 1 7  ? -0.338  -5.858  -3.909  1.00 54.35  ? 7   DT  A C5    1 
ATOM   144 C  C7    . DT  A 1 7  ? -0.984  -5.611  -5.235  1.00 55.22  ? 7   DT  A C7    1 
ATOM   145 C  C6    . DT  A 1 7  ? -0.319  -7.061  -3.323  1.00 58.96  ? 7   DT  A C6    1 
ATOM   146 P  P     . DT  A 1 8  ? -1.369  -11.611 0.860   1.00 87.95  ? 8   DT  A P     1 
ATOM   147 O  OP1   . DT  A 1 8  ? -0.983  -12.859 1.577   1.00 112.91 ? 8   DT  A OP1   1 
ATOM   148 O  OP2   . DT  A 1 8  ? -2.657  -11.574 0.089   1.00 74.02  ? 8   DT  A OP2   1 
ATOM   149 O  "O5'" . DT  A 1 8  ? -1.292  -10.383 1.884   1.00 80.92  ? 8   DT  A "O5'" 1 
ATOM   150 C  "C5'" . DT  A 1 8  ? -0.025  -9.960  2.448   1.00 68.85  ? 8   DT  A "C5'" 1 
ATOM   151 C  "C4'" . DT  A 1 8  ? -0.200  -8.761  3.353   1.00 72.70  ? 8   DT  A "C4'" 1 
ATOM   152 O  "O4'" . DT  A 1 8  ? -0.121  -7.545  2.574   1.00 72.58  ? 8   DT  A "O4'" 1 
ATOM   153 C  "C3'" . DT  A 1 8  ? -1.528  -8.698  4.119   1.00 75.64  ? 8   DT  A "C3'" 1 
ATOM   154 O  "O3'" . DT  A 1 8  ? -1.310  -8.450  5.522   1.00 76.77  ? 8   DT  A "O3'" 1 
ATOM   155 C  "C2'" . DT  A 1 8  ? -2.295  -7.581  3.429   1.00 65.92  ? 8   DT  A "C2'" 1 
ATOM   156 C  "C1'" . DT  A 1 8  ? -1.188  -6.677  2.910   1.00 63.80  ? 8   DT  A "C1'" 1 
ATOM   157 N  N1    . DT  A 1 8  ? -1.552  -5.918  1.694   1.00 51.81  ? 8   DT  A N1    1 
ATOM   158 C  C2    . DT  A 1 8  ? -1.265  -4.574  1.610   1.00 46.27  ? 8   DT  A C2    1 
ATOM   159 O  O2    . DT  A 1 8  ? -0.683  -3.956  2.487   1.00 54.78  ? 8   DT  A O2    1 
ATOM   160 N  N3    . DT  A 1 8  ? -1.668  -3.978  0.440   1.00 44.65  ? 8   DT  A N3    1 
ATOM   161 C  C4    . DT  A 1 8  ? -2.328  -4.577  -0.614  1.00 44.40  ? 8   DT  A C4    1 
ATOM   162 O  O4    . DT  A 1 8  ? -2.628  -3.920  -1.599  1.00 49.34  ? 8   DT  A O4    1 
ATOM   163 C  C5    . DT  A 1 8  ? -2.640  -5.973  -0.434  1.00 48.07  ? 8   DT  A C5    1 
ATOM   164 C  C7    . DT  A 1 8  ? -3.393  -6.692  -1.506  1.00 53.76  ? 8   DT  A C7    1 
ATOM   165 C  C6    . DT  A 1 8  ? -2.243  -6.564  0.695   1.00 51.06  ? 8   DT  A C6    1 
ATOM   166 P  P     . DT  A 1 9  ? -2.541  -8.515  6.578   1.00 79.19  ? 9   DT  A P     1 
ATOM   167 O  OP1   . DT  A 1 9  ? -1.993  -8.846  7.921   1.00 78.99  ? 9   DT  A OP1   1 
ATOM   168 O  OP2   . DT  A 1 9  ? -3.674  -9.303  5.968   1.00 67.77  ? 9   DT  A OP2   1 
ATOM   169 O  "O5'" . DT  A 1 9  ? -2.969  -6.984  6.722   1.00 84.46  ? 9   DT  A "O5'" 1 
ATOM   170 C  "C5'" . DT  A 1 9  ? -2.018  -5.990  7.186   1.00 84.27  ? 9   DT  A "C5'" 1 
ATOM   171 C  "C4'" . DT  A 1 9  ? -2.584  -4.595  7.037   1.00 70.27  ? 9   DT  A "C4'" 1 
ATOM   172 O  "O4'" . DT  A 1 9  ? -2.737  -4.273  5.628   1.00 65.02  ? 9   DT  A "O4'" 1 
ATOM   173 C  "C3'" . DT  A 1 9  ? -3.970  -4.387  7.669   1.00 54.46  ? 9   DT  A "C3'" 1 
ATOM   174 O  "O3'" . DT  A 1 9  ? -3.906  -3.133  8.370   1.00 57.43  ? 9   DT  A "O3'" 1 
ATOM   175 C  "C2'" . DT  A 1 9  ? -4.893  -4.409  6.461   1.00 51.86  ? 9   DT  A "C2'" 1 
ATOM   176 C  "C1'" . DT  A 1 9  ? -4.011  -3.677  5.472   1.00 57.16  ? 9   DT  A "C1'" 1 
ATOM   177 N  N1    . DT  A 1 9  ? -4.379  -3.738  4.053   1.00 50.31  ? 9   DT  A N1    1 
ATOM   178 C  C2    . DT  A 1 9  ? -4.188  -2.606  3.288   1.00 44.23  ? 9   DT  A C2    1 
ATOM   179 O  O2    . DT  A 1 9  ? -3.714  -1.571  3.728   1.00 49.20  ? 9   DT  A O2    1 
ATOM   180 N  N3    . DT  A 1 9  ? -4.566  -2.732  1.980   1.00 42.49  ? 9   DT  A N3    1 
ATOM   181 C  C4    . DT  A 1 9  ? -5.083  -3.853  1.367   1.00 41.11  ? 9   DT  A C4    1 
ATOM   182 O  O4    . DT  A 1 9  ? -5.365  -3.820  0.172   1.00 47.58  ? 9   DT  A O4    1 
ATOM   183 C  C5    . DT  A 1 9  ? -5.254  -5.000  2.224   1.00 42.69  ? 9   DT  A C5    1 
ATOM   184 C  C7    . DT  A 1 9  ? -5.814  -6.258  1.644   1.00 51.58  ? 9   DT  A C7    1 
ATOM   185 C  C6    . DT  A 1 9  ? -4.920  -4.879  3.513   1.00 48.87  ? 9   DT  A C6    1 
ATOM   186 P  P     . DG  A 1 10 ? -5.005  -2.729  9.490   1.00 63.99  ? 10  DG  A P     1 
ATOM   187 O  OP1   . DG  A 1 10 ? -4.287  -2.046  10.591  1.00 55.39  ? 10  DG  A OP1   1 
ATOM   188 O  OP2   . DG  A 1 10 ? -5.900  -3.893  9.724   1.00 60.47  ? 10  DG  A OP2   1 
ATOM   189 O  "O5'" . DG  A 1 10 ? -5.925  -1.654  8.755   1.00 69.77  ? 10  DG  A "O5'" 1 
ATOM   190 C  "C5'" . DG  A 1 10 ? -5.348  -0.663  7.880   1.00 60.52  ? 10  DG  A "C5'" 1 
ATOM   191 C  "C4'" . DG  A 1 10 ? -6.350  -0.256  6.829   1.00 44.80  ? 10  DG  A "C4'" 1 
ATOM   192 O  "O4'" . DG  A 1 10 ? -6.522  -1.312  5.862   1.00 48.31  ? 10  DG  A "O4'" 1 
ATOM   193 C  "C3'" . DG  A 1 10 ? -7.751  0.053   7.361   1.00 51.66  ? 10  DG  A "C3'" 1 
ATOM   194 O  "O3'" . DG  A 1 10 ? -8.151  1.256   6.699   1.00 58.77  ? 10  DG  A "O3'" 1 
ATOM   195 C  "C2'" . DG  A 1 10 ? -8.563  -1.134  6.886   1.00 41.47  ? 10  DG  A "C2'" 1 
ATOM   196 C  "C1'" . DG  A 1 10 ? -7.887  -1.392  5.567   1.00 43.87  ? 10  DG  A "C1'" 1 
ATOM   197 N  N9    . DG  A 1 10 ? -8.177  -2.695  4.985   1.00 44.10  ? 10  DG  A N9    1 
ATOM   198 C  C8    . DG  A 1 10 ? -8.551  -3.816  5.683   1.00 43.62  ? 10  DG  A C8    1 
ATOM   199 N  N7    . DG  A 1 10 ? -8.889  -4.811  4.910   1.00 41.24  ? 10  DG  A N7    1 
ATOM   200 C  C5    . DG  A 1 10 ? -8.677  -4.340  3.626   1.00 42.56  ? 10  DG  A C5    1 
ATOM   201 C  C6    . DG  A 1 10 ? -8.872  -4.979  2.377   1.00 48.34  ? 10  DG  A C6    1 
ATOM   202 O  O6    . DG  A 1 10 ? -9.241  -6.136  2.155   1.00 57.03  ? 10  DG  A O6    1 
ATOM   203 N  N1    . DG  A 1 10 ? -8.596  -4.124  1.314   1.00 51.58  ? 10  DG  A N1    1 
ATOM   204 C  C2    . DG  A 1 10 ? -8.179  -2.820  1.438   1.00 45.77  ? 10  DG  A C2    1 
ATOM   205 N  N2    . DG  A 1 10 ? -7.960  -2.165  0.290   1.00 48.94  ? 10  DG  A N2    1 
ATOM   206 N  N3    . DG  A 1 10 ? -7.983  -2.212  2.603   1.00 48.46  ? 10  DG  A N3    1 
ATOM   207 C  C4    . DG  A 1 10 ? -8.259  -3.026  3.648   1.00 41.57  ? 10  DG  A C4    1 
ATOM   208 P  P     . DG  A 1 11 ? -9.128  2.342   7.369   1.00 49.89  ? 11  DG  A P     1 
ATOM   209 O  OP1   . DG  A 1 11 ? -8.583  2.743   8.677   1.00 47.62  ? 11  DG  A OP1   1 
ATOM   210 O  OP2   . DG  A 1 11 ? -10.517 1.831   7.217   1.00 50.96  ? 11  DG  A OP2   1 
ATOM   211 O  "O5'" . DG  A 1 11 ? -8.901  3.577   6.391   1.00 57.11  ? 11  DG  A "O5'" 1 
ATOM   212 C  "C5'" . DG  A 1 11 ? -7.567  4.046   6.119   1.00 56.02  ? 11  DG  A "C5'" 1 
ATOM   213 C  "C4'" . DG  A 1 11 ? -7.539  5.543   6.299   1.00 63.20  ? 11  DG  A "C4'" 1 
ATOM   214 O  "O4'" . DG  A 1 11 ? -8.402  6.135   5.308   1.00 53.98  ? 11  DG  A "O4'" 1 
ATOM   215 C  "C3'" . DG  A 1 11 ? -8.073  6.036   7.643   1.00 66.09  ? 11  DG  A "C3'" 1 
ATOM   216 O  "O3'" . DG  A 1 11 ? -7.371  7.219   8.029   1.00 68.81  ? 11  DG  A "O3'" 1 
ATOM   217 C  "C2'" . DG  A 1 11 ? -9.543  6.318   7.365   1.00 54.19  ? 11  DG  A "C2'" 1 
ATOM   218 C  "C1'" . DG  A 1 11 ? -9.491  6.810   5.941   1.00 48.75  ? 11  DG  A "C1'" 1 
ATOM   219 N  N9    . DG  A 1 11 ? -10.666 6.565   5.128   1.00 43.53  ? 11  DG  A N9    1 
ATOM   220 C  C8    . DG  A 1 11 ? -11.401 5.410   5.022   1.00 44.68  ? 11  DG  A C8    1 
ATOM   221 N  N7    . DG  A 1 11 ? -12.309 5.467   4.085   1.00 48.13  ? 11  DG  A N7    1 
ATOM   222 C  C5    . DG  A 1 11 ? -12.182 6.746   3.564   1.00 46.10  ? 11  DG  A C5    1 
ATOM   223 C  C6    . DG  A 1 11 ? -12.921 7.408   2.543   1.00 45.98  ? 11  DG  A C6    1 
ATOM   224 O  O6    . DG  A 1 11 ? -13.876 6.987   1.882   1.00 49.04  ? 11  DG  A O6    1 
ATOM   225 N  N1    . DG  A 1 11 ? -12.433 8.687   2.308   1.00 51.70  ? 11  DG  A N1    1 
ATOM   226 C  C2    . DG  A 1 11 ? -11.376 9.260   2.968   1.00 53.97  ? 11  DG  A C2    1 
ATOM   227 N  N2    . DG  A 1 11 ? -11.054 10.504  2.598   1.00 61.81  ? 11  DG  A N2    1 
ATOM   228 N  N3    . DG  A 1 11 ? -10.671 8.652   3.907   1.00 48.39  ? 11  DG  A N3    1 
ATOM   229 C  C4    . DG  A 1 11 ? -11.139 7.415   4.165   1.00 47.61  ? 11  DG  A C4    1 
ATOM   230 P  P     . DA  A 1 12 ? -7.761  7.939   9.388   1.00 79.31  ? 12  DA  A P     1 
ATOM   231 O  OP1   . DA  A 1 12 ? -6.491  8.260   10.108  1.00 73.17  ? 12  DA  A OP1   1 
ATOM   232 O  OP2   . DA  A 1 12 ? -8.812  7.125   10.062  1.00 85.58  ? 12  DA  A OP2   1 
ATOM   233 O  "O5'" . DA  A 1 12 ? -8.532  9.246   8.898   1.00 88.75  ? 12  DA  A "O5'" 1 
ATOM   234 C  "C5'" . DA  A 1 12 ? -7.977  10.156  7.920   1.00 83.97  ? 12  DA  A "C5'" 1 
ATOM   235 C  "C4'" . DA  A 1 12 ? -8.925  11.314  7.706   1.00 77.13  ? 12  DA  A "C4'" 1 
ATOM   236 O  "O4'" . DA  A 1 12 ? -10.077 10.849  6.965   1.00 65.22  ? 12  DA  A "O4'" 1 
ATOM   237 C  "C3'" . DA  A 1 12 ? -9.497  11.963  8.971   1.00 78.96  ? 12  DA  A "C3'" 1 
ATOM   238 O  "O3'" . DA  A 1 12 ? -9.770  13.330  8.616   1.00 90.83  ? 12  DA  A "O3'" 1 
ATOM   239 C  "C2'" . DA  A 1 12 ? -10.792 11.197  9.195   1.00 68.15  ? 12  DA  A "C2'" 1 
ATOM   240 C  "C1'" . DA  A 1 12 ? -11.261 11.001  7.752   1.00 61.39  ? 12  DA  A "C1'" 1 
ATOM   241 N  N9    . DA  A 1 12 ? -12.108 9.843   7.480   1.00 59.46  ? 12  DA  A N9    1 
ATOM   242 C  C8    . DA  A 1 12 ? -12.114 8.616   8.103   1.00 55.42  ? 12  DA  A C8    1 
ATOM   243 N  N7    . DA  A 1 12 ? -12.955 7.760   7.574   1.00 55.59  ? 12  DA  A N7    1 
ATOM   244 C  C5    . DA  A 1 12 ? -13.541 8.469   6.533   1.00 45.83  ? 12  DA  A C5    1 
ATOM   245 C  C6    . DA  A 1 12 ? -14.530 8.129   5.605   1.00 47.74  ? 12  DA  A C6    1 
ATOM   246 N  N6    . DA  A 1 12 ? -15.101 6.924   5.555   1.00 50.44  ? 12  DA  A N6    1 
ATOM   247 N  N1    . DA  A 1 12 ? -14.867 9.053   4.673   1.00 43.26  ? 12  DA  A N1    1 
ATOM   248 C  C2    . DA  A 1 12 ? -14.290 10.259  4.730   1.00 48.27  ? 12  DA  A C2    1 
ATOM   249 N  N3    . DA  A 1 12 ? -13.361 10.706  5.575   1.00 47.18  ? 12  DA  A N3    1 
ATOM   250 C  C4    . DA  A 1 12 ? -13.033 9.754   6.467   1.00 51.18  ? 12  DA  A C4    1 
ATOM   251 P  P     . DG  A 1 13 ? -10.016 14.477  9.730   1.00 80.66  ? 13  DG  A P     1 
ATOM   252 O  OP1   . DG  A 1 13 ? -9.058  15.593  9.452   1.00 89.55  ? 13  DG  A OP1   1 
ATOM   253 O  OP2   . DG  A 1 13 ? -10.153 13.839  11.094  1.00 60.81  ? 13  DG  A OP2   1 
ATOM   254 O  "O5'" . DG  A 1 13 ? -11.469 15.041  9.397   1.00 73.35  ? 13  DG  A "O5'" 1 
ATOM   255 C  "C5'" . DG  A 1 13 ? -12.070 15.001  8.078   1.00 73.60  ? 13  DG  A "C5'" 1 
ATOM   256 C  "C4'" . DG  A 1 13 ? -13.574 14.921  8.226   1.00 72.81  ? 13  DG  A "C4'" 1 
ATOM   257 O  "O4'" . DG  A 1 13 ? -13.980 13.537  8.074   1.00 59.41  ? 13  DG  A "O4'" 1 
ATOM   258 C  "C3'" . DG  A 1 13 ? -14.064 15.373  9.612   1.00 70.56  ? 13  DG  A "C3'" 1 
ATOM   259 O  "O3'" . DG  A 1 13 ? -14.339 16.804  9.766   1.00 85.53  ? 13  DG  A "O3'" 1 
ATOM   260 C  "C2'" . DG  A 1 13 ? -15.076 14.314  10.034  1.00 60.11  ? 13  DG  A "C2'" 1 
ATOM   261 C  "C1'" . DG  A 1 13 ? -15.062 13.257  8.930   1.00 57.23  ? 13  DG  A "C1'" 1 
ATOM   262 N  N9    . DG  A 1 13 ? -14.936 11.874  9.373   1.00 55.88  ? 13  DG  A N9    1 
ATOM   263 C  C8    . DG  A 1 13 ? -14.202 11.367  10.420  1.00 62.67  ? 13  DG  A C8    1 
ATOM   264 N  N7    . DG  A 1 13 ? -14.345 10.076  10.569  1.00 49.83  ? 13  DG  A N7    1 
ATOM   265 C  C5    . DG  A 1 13 ? -15.230 9.711   9.561   1.00 58.34  ? 13  DG  A C5    1 
ATOM   266 C  C6    . DG  A 1 13 ? -15.765 8.434   9.214   1.00 60.33  ? 13  DG  A C6    1 
ATOM   267 O  O6    . DG  A 1 13 ? -15.564 7.332   9.753   1.00 60.37  ? 13  DG  A O6    1 
ATOM   268 N  N1    . DG  A 1 13 ? -16.650 8.529   8.145   1.00 42.48  ? 13  DG  A N1    1 
ATOM   269 C  C2    . DG  A 1 13 ? -16.947 9.681   7.465   1.00 47.83  ? 13  DG  A C2    1 
ATOM   270 N  N2    . DG  A 1 13 ? -17.768 9.545   6.420   1.00 44.26  ? 13  DG  A N2    1 
ATOM   271 N  N3    . DG  A 1 13 ? -16.448 10.872  7.765   1.00 40.62  ? 13  DG  A N3    1 
ATOM   272 C  C4    . DG  A 1 13 ? -15.601 10.811  8.813   1.00 47.21  ? 13  DG  A C4    1 
ATOM   273 P  P     . DA  A 1 14 ? -15.463 17.609  8.913   1.00 80.05  ? 14  DA  A P     1 
ATOM   274 O  OP1   . DA  A 1 14 ? -16.418 16.639  8.311   1.00 108.35 ? 14  DA  A OP1   1 
ATOM   275 O  OP2   . DA  A 1 14 ? -14.782 18.555  8.025   1.00 58.35  ? 14  DA  A OP2   1 
ATOM   276 O  "O5'" . DA  A 1 14 ? -16.298 18.321  10.063  1.00 82.57  ? 14  DA  A "O5'" 1 
ATOM   277 C  "C5'" . DA  A 1 14 ? -16.640 17.613  11.269  1.00 72.54  ? 14  DA  A "C5'" 1 
ATOM   278 C  "C4'" . DA  A 1 14 ? -16.853 18.603  12.387  1.00 82.01  ? 14  DA  A "C4'" 1 
ATOM   279 O  "O4'" . DA  A 1 14 ? -15.776 19.568  12.365  1.00 79.71  ? 14  DA  A "O4'" 1 
ATOM   280 C  "C3'" . DA  A 1 14 ? -18.116 19.445  12.250  1.00 89.67  ? 14  DA  A "C3'" 1 
ATOM   281 O  "O3'" . DA  A 1 14 ? -19.282 18.786  12.756  1.00 112.07 ? 14  DA  A "O3'" 1 
ATOM   282 C  "C2'" . DA  A 1 14 ? -17.766 20.675  13.068  1.00 82.68  ? 14  DA  A "C2'" 1 
ATOM   283 C  "C1'" . DA  A 1 14 ? -16.250 20.808  12.880  1.00 67.68  ? 14  DA  A "C1'" 1 
ATOM   284 N  N9    . DA  A 1 14 ? -15.879 21.880  11.952  1.00 50.61  ? 14  DA  A N9    1 
ATOM   285 C  C8    . DA  A 1 14 ? -15.580 21.863  10.609  1.00 48.74  ? 14  DA  A C8    1 
ATOM   286 N  N7    . DA  A 1 14 ? -15.383 23.059  10.097  1.00 45.98  ? 14  DA  A N7    1 
ATOM   287 C  C5    . DA  A 1 14 ? -15.577 23.920  11.174  1.00 44.69  ? 14  DA  A C5    1 
ATOM   288 C  C6    . DA  A 1 14 ? -15.499 25.326  11.299  1.00 43.51  ? 14  DA  A C6    1 
ATOM   289 N  N6    . DA  A 1 14 ? -15.185 26.144  10.291  1.00 46.73  ? 14  DA  A N6    1 
ATOM   290 N  N1    . DA  A 1 14 ? -15.742 25.863  12.515  1.00 42.22  ? 14  DA  A N1    1 
ATOM   291 C  C2    . DA  A 1 14 ? -16.047 25.041  13.534  1.00 43.50  ? 14  DA  A C2    1 
ATOM   292 N  N3    . DA  A 1 14 ? -16.172 23.711  13.535  1.00 41.94  ? 14  DA  A N3    1 
ATOM   293 C  C4    . DA  A 1 14 ? -15.865 23.205  12.326  1.00 40.11  ? 14  DA  A C4    1 
HETATM 294 MG MG    . MG  B 2 .  ? -9.308  18.920  11.088  1.00 75.18  ? 101 MG  A MG    1 
HETATM 295 MG MG    . MG  C 2 .  ? -18.379 9.565   11.641  1.00 69.01  ? 102 MG  A MG    1 
HETATM 296 O  O     . HOH D 3 .  ? -11.917 0.020   6.646   1.00 44.87  ? 201 HOH A O     1 
HETATM 297 O  O     . HOH D 3 .  ? -14.827 24.042  7.908   1.00 55.11  ? 202 HOH A O     1 
HETATM 298 O  O     . HOH D 3 .  ? 10.422  -9.784  -8.994  1.00 59.15  ? 203 HOH A O     1 
HETATM 299 O  O     . HOH D 3 .  ? -16.811 9.291   3.133   1.00 56.04  ? 204 HOH A O     1 
HETATM 300 O  O     . HOH D 3 .  ? -16.019 4.898   9.186   1.00 53.74  ? 205 HOH A O     1 
HETATM 301 O  O     . HOH D 3 .  ? 3.141   -7.506  1.478   0.50 64.71  ? 206 HOH A O     1 
HETATM 302 O  O     . HOH D 3 .  ? -13.919 10.347  0.470   1.00 61.11  ? 207 HOH A O     1 
HETATM 303 O  O     . HOH D 3 .  ? 21.104  -3.238  -8.075  1.00 58.64  ? 208 HOH A O     1 
HETATM 304 O  O     . HOH D 3 .  ? 1.377   -3.388  4.595   1.00 72.92  ? 209 HOH A O     1 
HETATM 305 O  O     . HOH D 3 .  ? -0.361  -11.680 -10.838 1.00 74.40  ? 210 HOH A O     1 
HETATM 306 O  O     . HOH D 3 .  ? 9.413   -6.370  -12.766 1.00 66.02  ? 211 HOH A O     1 
HETATM 307 O  O     . HOH D 3 .  ? -11.947 5.413   9.998   1.00 67.96  ? 212 HOH A O     1 
HETATM 308 O  O     . HOH D 3 .  ? -7.923  17.834  12.204  1.00 64.61  ? 213 HOH A O     1 
# 
loop_
_pdbx_poly_seq_scheme.asym_id 
_pdbx_poly_seq_scheme.entity_id 
_pdbx_poly_seq_scheme.seq_id 
_pdbx_poly_seq_scheme.mon_id 
_pdbx_poly_seq_scheme.ndb_seq_num 
_pdbx_poly_seq_scheme.pdb_seq_num 
_pdbx_poly_seq_scheme.auth_seq_num 
_pdbx_poly_seq_scheme.pdb_mon_id 
_pdbx_poly_seq_scheme.auth_mon_id 
_pdbx_poly_seq_scheme.pdb_strand_id 
_pdbx_poly_seq_scheme.pdb_ins_code 
_pdbx_poly_seq_scheme.hetero 
A 1 1  DG 1  1  1  DG DG A . n 
A 1 2  DG 2  2  2  DG DG A . n 
A 1 3  DA 3  3  3  DA DA A . n 
A 1 4  DA 4  4  4  DA DA A . n 
A 1 5  DA 5  5  5  DA DA A . n 
A 1 6  DA 6  6  6  DA DA A . n 
A 1 7  DT 7  7  7  DT DT A . n 
A 1 8  DT 8  8  8  DT DT A . n 
A 1 9  DT 9  9  9  DT DT A . n 
A 1 10 DG 10 10 10 DG DG A . n 
A 1 11 DG 11 11 11 DG DG A . n 
A 1 12 DA 12 12 12 DA DA A . n 
A 1 13 DG 13 13 13 DG DG A . n 
A 1 14 DA 14 14 14 DA DA A . n 
# 
loop_
_pdbx_nonpoly_scheme.asym_id 
_pdbx_nonpoly_scheme.entity_id 
_pdbx_nonpoly_scheme.mon_id 
_pdbx_nonpoly_scheme.ndb_seq_num 
_pdbx_nonpoly_scheme.pdb_seq_num 
_pdbx_nonpoly_scheme.auth_seq_num 
_pdbx_nonpoly_scheme.pdb_mon_id 
_pdbx_nonpoly_scheme.auth_mon_id 
_pdbx_nonpoly_scheme.pdb_strand_id 
_pdbx_nonpoly_scheme.pdb_ins_code 
B 2 MG  1  101 1  MG  MG  A . 
C 2 MG  1  102 2  MG  MG  A . 
D 3 HOH 1  201 9  HOH HOH A . 
D 3 HOH 2  202 8  HOH HOH A . 
D 3 HOH 3  203 16 HOH HOH A . 
D 3 HOH 4  204 6  HOH HOH A . 
D 3 HOH 5  205 5  HOH HOH A . 
D 3 HOH 6  206 14 HOH HOH A . 
D 3 HOH 7  207 12 HOH HOH A . 
D 3 HOH 8  208 20 HOH HOH A . 
D 3 HOH 9  209 13 HOH HOH A . 
D 3 HOH 10 210 18 HOH HOH A . 
D 3 HOH 11 211 19 HOH HOH A . 
D 3 HOH 12 212 21 HOH HOH A . 
D 3 HOH 13 213 7  HOH HOH A . 
# 
_pdbx_struct_assembly.id                   1 
_pdbx_struct_assembly.details              author_and_software_defined_assembly 
_pdbx_struct_assembly.method_details       PISA 
_pdbx_struct_assembly.oligomeric_details   dimeric 
_pdbx_struct_assembly.oligomeric_count     2 
# 
_pdbx_struct_assembly_gen.assembly_id       1 
_pdbx_struct_assembly_gen.oper_expression   1,2 
_pdbx_struct_assembly_gen.asym_id_list      A,B,C,D 
# 
loop_
_pdbx_struct_assembly_prop.biol_id 
_pdbx_struct_assembly_prop.type 
_pdbx_struct_assembly_prop.value 
_pdbx_struct_assembly_prop.details 
1 'ABSA (A^2)' 1520 ? 
1 MORE         -15  ? 
1 'SSA (A^2)'  5950 ? 
# 
loop_
_pdbx_struct_oper_list.id 
_pdbx_struct_oper_list.type 
_pdbx_struct_oper_list.name 
_pdbx_struct_oper_list.symmetry_operation 
_pdbx_struct_oper_list.matrix[1][1] 
_pdbx_struct_oper_list.matrix[1][2] 
_pdbx_struct_oper_list.matrix[1][3] 
_pdbx_struct_oper_list.vector[1] 
_pdbx_struct_oper_list.matrix[2][1] 
_pdbx_struct_oper_list.matrix[2][2] 
_pdbx_struct_oper_list.matrix[2][3] 
_pdbx_struct_oper_list.vector[2] 
_pdbx_struct_oper_list.matrix[3][1] 
_pdbx_struct_oper_list.matrix[3][2] 
_pdbx_struct_oper_list.matrix[3][3] 
_pdbx_struct_oper_list.vector[3] 
1 'identity operation'         1_555 x,y,z  1.0000000000  0.0000000000  0.0000000000 0.0000000000 0.0000000000  1.0000000000 0.0000000000  0.0000000000  0.0000000000 0.0000000000  1.0000000000  0.0000000000  
2 'crystal symmetry operation' 4_555 y,x,-z -0.9995882384 -0.0213403765 0.0191818165 6.0929070641 -0.0213403765 0.1060079758 -0.9941362570 -5.1746842427 0.0191818165 -0.9941362570 -0.1064197374 -5.8877914715 
# 
_pdbx_struct_special_symmetry.id              1 
_pdbx_struct_special_symmetry.PDB_model_num   1 
_pdbx_struct_special_symmetry.auth_asym_id    A 
_pdbx_struct_special_symmetry.auth_comp_id    HOH 
_pdbx_struct_special_symmetry.auth_seq_id     206 
_pdbx_struct_special_symmetry.PDB_ins_code    ? 
_pdbx_struct_special_symmetry.label_asym_id   D 
_pdbx_struct_special_symmetry.label_comp_id   HOH 
_pdbx_struct_special_symmetry.label_seq_id    . 
# 
_pdbx_struct_conn_angle.id                    1 
_pdbx_struct_conn_angle.ptnr1_label_atom_id   O 
_pdbx_struct_conn_angle.ptnr1_label_alt_id    ? 
_pdbx_struct_conn_angle.ptnr1_label_asym_id   D 
_pdbx_struct_conn_angle.ptnr1_label_comp_id   HOH 
_pdbx_struct_conn_angle.ptnr1_label_seq_id    . 
_pdbx_struct_conn_angle.ptnr1_auth_atom_id    ? 
_pdbx_struct_conn_angle.ptnr1_auth_asym_id    A 
_pdbx_struct_conn_angle.ptnr1_auth_comp_id    HOH 
_pdbx_struct_conn_angle.ptnr1_auth_seq_id     204 
_pdbx_struct_conn_angle.ptnr1_PDB_ins_code    ? 
_pdbx_struct_conn_angle.ptnr1_symmetry        5_564 
_pdbx_struct_conn_angle.ptnr2_label_atom_id   MG 
_pdbx_struct_conn_angle.ptnr2_label_alt_id    ? 
_pdbx_struct_conn_angle.ptnr2_label_asym_id   B 
_pdbx_struct_conn_angle.ptnr2_label_comp_id   MG 
_pdbx_struct_conn_angle.ptnr2_label_seq_id    . 
_pdbx_struct_conn_angle.ptnr2_auth_atom_id    ? 
_pdbx_struct_conn_angle.ptnr2_auth_asym_id    A 
_pdbx_struct_conn_angle.ptnr2_auth_comp_id    MG 
_pdbx_struct_conn_angle.ptnr2_auth_seq_id     101 
_pdbx_struct_conn_angle.ptnr2_PDB_ins_code    ? 
_pdbx_struct_conn_angle.ptnr2_symmetry        1_555 
_pdbx_struct_conn_angle.ptnr3_label_atom_id   O 
_pdbx_struct_conn_angle.ptnr3_label_alt_id    ? 
_pdbx_struct_conn_angle.ptnr3_label_asym_id   D 
_pdbx_struct_conn_angle.ptnr3_label_comp_id   HOH 
_pdbx_struct_conn_angle.ptnr3_label_seq_id    . 
_pdbx_struct_conn_angle.ptnr3_auth_atom_id    ? 
_pdbx_struct_conn_angle.ptnr3_auth_asym_id    A 
_pdbx_struct_conn_angle.ptnr3_auth_comp_id    HOH 
_pdbx_struct_conn_angle.ptnr3_auth_seq_id     213 
_pdbx_struct_conn_angle.ptnr3_PDB_ins_code    ? 
_pdbx_struct_conn_angle.ptnr3_symmetry        1_555 
_pdbx_struct_conn_angle.value                 75.7 
_pdbx_struct_conn_angle.value_esd             ? 
# 
loop_
_pdbx_audit_revision_history.ordinal 
_pdbx_audit_revision_history.data_content_type 
_pdbx_audit_revision_history.major_revision 
_pdbx_audit_revision_history.minor_revision 
_pdbx_audit_revision_history.revision_date 
1 'Structure model' 1 0 2015-11-11 
2 'Structure model' 1 1 2015-12-16 
3 'Structure model' 1 2 2016-07-20 
4 'Structure model' 1 3 2017-11-22 
5 'Structure model' 1 4 2023-09-27 
# 
_pdbx_audit_revision_details.ordinal             1 
_pdbx_audit_revision_details.revision_ordinal    1 
_pdbx_audit_revision_details.data_content_type   'Structure model' 
_pdbx_audit_revision_details.provider            repository 
_pdbx_audit_revision_details.type                'Initial release' 
_pdbx_audit_revision_details.description         ? 
_pdbx_audit_revision_details.details             ? 
# 
loop_
_pdbx_audit_revision_group.ordinal 
_pdbx_audit_revision_group.revision_ordinal 
_pdbx_audit_revision_group.data_content_type 
_pdbx_audit_revision_group.group 
1 2 'Structure model' 'Database references'    
2 3 'Structure model' 'Data collection'        
3 4 'Structure model' 'Derived calculations'   
4 4 'Structure model' 'Refinement description' 
5 5 'Structure model' 'Data collection'        
6 5 'Structure model' 'Database references'    
7 5 'Structure model' 'Derived calculations'   
8 5 'Structure model' 'Refinement description' 
# 
loop_
_pdbx_audit_revision_category.ordinal 
_pdbx_audit_revision_category.revision_ordinal 
_pdbx_audit_revision_category.data_content_type 
_pdbx_audit_revision_category.category 
1 4 'Structure model' pdbx_struct_oper_list         
2 4 'Structure model' software                      
3 5 'Structure model' chem_comp_atom                
4 5 'Structure model' chem_comp_bond                
5 5 'Structure model' database_2                    
6 5 'Structure model' pdbx_initial_refinement_model 
7 5 'Structure model' pdbx_struct_conn_angle        
8 5 'Structure model' struct_conn                   
# 
loop_
_pdbx_audit_revision_item.ordinal 
_pdbx_audit_revision_item.revision_ordinal 
_pdbx_audit_revision_item.data_content_type 
_pdbx_audit_revision_item.item 
1  4 'Structure model' '_pdbx_struct_oper_list.symmetry_operation' 
2  4 'Structure model' '_software.classification'                  
3  5 'Structure model' '_database_2.pdbx_DOI'                      
4  5 'Structure model' '_database_2.pdbx_database_accession'       
5  5 'Structure model' '_pdbx_struct_conn_angle.ptnr1_auth_seq_id' 
6  5 'Structure model' '_pdbx_struct_conn_angle.ptnr1_symmetry'    
7  5 'Structure model' '_pdbx_struct_conn_angle.ptnr3_auth_seq_id' 
8  5 'Structure model' '_pdbx_struct_conn_angle.ptnr3_symmetry'    
9  5 'Structure model' '_struct_conn.pdbx_dist_value'              
10 5 'Structure model' '_struct_conn.ptnr2_auth_seq_id'            
11 5 'Structure model' '_struct_conn.ptnr2_symmetry'               
# 
loop_
_software.citation_id 
_software.classification 
_software.compiler_name 
_software.compiler_version 
_software.contact_author 
_software.contact_author_email 
_software.date 
_software.description 
_software.dependencies 
_software.hardware 
_software.language 
_software.location 
_software.mods 
_software.name 
_software.os 
_software.os_version 
_software.type 
_software.version 
_software.pdbx_ordinal 
? refinement     ? ? ? ? ? ? ? ? ? ? ? REFMAC  ? ? ? 5.8.0073 1 
? refinement     ? ? ? ? ? ? ? ? ? ? ? PHENIX  ? ? ? .        2 
? 'data scaling' ? ? ? ? ? ? ? ? ? ? ? Aimless ? ? ? .        3 
? 'data scaling' ? ? ? ? ? ? ? ? ? ? ? XDS     ? ? ? .        4 
? phasing        ? ? ? ? ? ? ? ? ? ? ? PHASER  ? ? ? .        5 
# 
_pdbx_validate_rmsd_angle.id                         1 
_pdbx_validate_rmsd_angle.PDB_model_num              1 
_pdbx_validate_rmsd_angle.auth_atom_id_1             "C5'" 
_pdbx_validate_rmsd_angle.auth_asym_id_1             A 
_pdbx_validate_rmsd_angle.auth_comp_id_1             DG 
_pdbx_validate_rmsd_angle.auth_seq_id_1              1 
_pdbx_validate_rmsd_angle.PDB_ins_code_1             ? 
_pdbx_validate_rmsd_angle.label_alt_id_1             ? 
_pdbx_validate_rmsd_angle.auth_atom_id_2             "C4'" 
_pdbx_validate_rmsd_angle.auth_asym_id_2             A 
_pdbx_validate_rmsd_angle.auth_comp_id_2             DG 
_pdbx_validate_rmsd_angle.auth_seq_id_2              1 
_pdbx_validate_rmsd_angle.PDB_ins_code_2             ? 
_pdbx_validate_rmsd_angle.label_alt_id_2             ? 
_pdbx_validate_rmsd_angle.auth_atom_id_3             "O4'" 
_pdbx_validate_rmsd_angle.auth_asym_id_3             A 
_pdbx_validate_rmsd_angle.auth_comp_id_3             DG 
_pdbx_validate_rmsd_angle.auth_seq_id_3              1 
_pdbx_validate_rmsd_angle.PDB_ins_code_3             ? 
_pdbx_validate_rmsd_angle.label_alt_id_3             ? 
_pdbx_validate_rmsd_angle.angle_value                117.01 
_pdbx_validate_rmsd_angle.angle_target_value         109.80 
_pdbx_validate_rmsd_angle.angle_deviation            7.21 
_pdbx_validate_rmsd_angle.angle_standard_deviation   1.10 
_pdbx_validate_rmsd_angle.linker_flag                N 
# 
loop_
_chem_comp_atom.comp_id 
_chem_comp_atom.atom_id 
_chem_comp_atom.type_symbol 
_chem_comp_atom.pdbx_aromatic_flag 
_chem_comp_atom.pdbx_stereo_config 
_chem_comp_atom.pdbx_ordinal 
DA  OP3    O  N N 1   
DA  P      P  N N 2   
DA  OP1    O  N N 3   
DA  OP2    O  N N 4   
DA  "O5'"  O  N N 5   
DA  "C5'"  C  N N 6   
DA  "C4'"  C  N R 7   
DA  "O4'"  O  N N 8   
DA  "C3'"  C  N S 9   
DA  "O3'"  O  N N 10  
DA  "C2'"  C  N N 11  
DA  "C1'"  C  N R 12  
DA  N9     N  Y N 13  
DA  C8     C  Y N 14  
DA  N7     N  Y N 15  
DA  C5     C  Y N 16  
DA  C6     C  Y N 17  
DA  N6     N  N N 18  
DA  N1     N  Y N 19  
DA  C2     C  Y N 20  
DA  N3     N  Y N 21  
DA  C4     C  Y N 22  
DA  HOP3   H  N N 23  
DA  HOP2   H  N N 24  
DA  "H5'"  H  N N 25  
DA  "H5''" H  N N 26  
DA  "H4'"  H  N N 27  
DA  "H3'"  H  N N 28  
DA  "HO3'" H  N N 29  
DA  "H2'"  H  N N 30  
DA  "H2''" H  N N 31  
DA  "H1'"  H  N N 32  
DA  H8     H  N N 33  
DA  H61    H  N N 34  
DA  H62    H  N N 35  
DA  H2     H  N N 36  
DG  OP3    O  N N 37  
DG  P      P  N N 38  
DG  OP1    O  N N 39  
DG  OP2    O  N N 40  
DG  "O5'"  O  N N 41  
DG  "C5'"  C  N N 42  
DG  "C4'"  C  N R 43  
DG  "O4'"  O  N N 44  
DG  "C3'"  C  N S 45  
DG  "O3'"  O  N N 46  
DG  "C2'"  C  N N 47  
DG  "C1'"  C  N R 48  
DG  N9     N  Y N 49  
DG  C8     C  Y N 50  
DG  N7     N  Y N 51  
DG  C5     C  Y N 52  
DG  C6     C  N N 53  
DG  O6     O  N N 54  
DG  N1     N  N N 55  
DG  C2     C  N N 56  
DG  N2     N  N N 57  
DG  N3     N  N N 58  
DG  C4     C  Y N 59  
DG  HOP3   H  N N 60  
DG  HOP2   H  N N 61  
DG  "H5'"  H  N N 62  
DG  "H5''" H  N N 63  
DG  "H4'"  H  N N 64  
DG  "H3'"  H  N N 65  
DG  "HO3'" H  N N 66  
DG  "H2'"  H  N N 67  
DG  "H2''" H  N N 68  
DG  "H1'"  H  N N 69  
DG  H8     H  N N 70  
DG  H1     H  N N 71  
DG  H21    H  N N 72  
DG  H22    H  N N 73  
DT  OP3    O  N N 74  
DT  P      P  N N 75  
DT  OP1    O  N N 76  
DT  OP2    O  N N 77  
DT  "O5'"  O  N N 78  
DT  "C5'"  C  N N 79  
DT  "C4'"  C  N R 80  
DT  "O4'"  O  N N 81  
DT  "C3'"  C  N S 82  
DT  "O3'"  O  N N 83  
DT  "C2'"  C  N N 84  
DT  "C1'"  C  N R 85  
DT  N1     N  N N 86  
DT  C2     C  N N 87  
DT  O2     O  N N 88  
DT  N3     N  N N 89  
DT  C4     C  N N 90  
DT  O4     O  N N 91  
DT  C5     C  N N 92  
DT  C7     C  N N 93  
DT  C6     C  N N 94  
DT  HOP3   H  N N 95  
DT  HOP2   H  N N 96  
DT  "H5'"  H  N N 97  
DT  "H5''" H  N N 98  
DT  "H4'"  H  N N 99  
DT  "H3'"  H  N N 100 
DT  "HO3'" H  N N 101 
DT  "H2'"  H  N N 102 
DT  "H2''" H  N N 103 
DT  "H1'"  H  N N 104 
DT  H3     H  N N 105 
DT  H71    H  N N 106 
DT  H72    H  N N 107 
DT  H73    H  N N 108 
DT  H6     H  N N 109 
HOH O      O  N N 110 
HOH H1     H  N N 111 
HOH H2     H  N N 112 
MG  MG     MG N N 113 
# 
loop_
_chem_comp_bond.comp_id 
_chem_comp_bond.atom_id_1 
_chem_comp_bond.atom_id_2 
_chem_comp_bond.value_order 
_chem_comp_bond.pdbx_aromatic_flag 
_chem_comp_bond.pdbx_stereo_config 
_chem_comp_bond.pdbx_ordinal 
DA  OP3   P      sing N N 1   
DA  OP3   HOP3   sing N N 2   
DA  P     OP1    doub N N 3   
DA  P     OP2    sing N N 4   
DA  P     "O5'"  sing N N 5   
DA  OP2   HOP2   sing N N 6   
DA  "O5'" "C5'"  sing N N 7   
DA  "C5'" "C4'"  sing N N 8   
DA  "C5'" "H5'"  sing N N 9   
DA  "C5'" "H5''" sing N N 10  
DA  "C4'" "O4'"  sing N N 11  
DA  "C4'" "C3'"  sing N N 12  
DA  "C4'" "H4'"  sing N N 13  
DA  "O4'" "C1'"  sing N N 14  
DA  "C3'" "O3'"  sing N N 15  
DA  "C3'" "C2'"  sing N N 16  
DA  "C3'" "H3'"  sing N N 17  
DA  "O3'" "HO3'" sing N N 18  
DA  "C2'" "C1'"  sing N N 19  
DA  "C2'" "H2'"  sing N N 20  
DA  "C2'" "H2''" sing N N 21  
DA  "C1'" N9     sing N N 22  
DA  "C1'" "H1'"  sing N N 23  
DA  N9    C8     sing Y N 24  
DA  N9    C4     sing Y N 25  
DA  C8    N7     doub Y N 26  
DA  C8    H8     sing N N 27  
DA  N7    C5     sing Y N 28  
DA  C5    C6     sing Y N 29  
DA  C5    C4     doub Y N 30  
DA  C6    N6     sing N N 31  
DA  C6    N1     doub Y N 32  
DA  N6    H61    sing N N 33  
DA  N6    H62    sing N N 34  
DA  N1    C2     sing Y N 35  
DA  C2    N3     doub Y N 36  
DA  C2    H2     sing N N 37  
DA  N3    C4     sing Y N 38  
DG  OP3   P      sing N N 39  
DG  OP3   HOP3   sing N N 40  
DG  P     OP1    doub N N 41  
DG  P     OP2    sing N N 42  
DG  P     "O5'"  sing N N 43  
DG  OP2   HOP2   sing N N 44  
DG  "O5'" "C5'"  sing N N 45  
DG  "C5'" "C4'"  sing N N 46  
DG  "C5'" "H5'"  sing N N 47  
DG  "C5'" "H5''" sing N N 48  
DG  "C4'" "O4'"  sing N N 49  
DG  "C4'" "C3'"  sing N N 50  
DG  "C4'" "H4'"  sing N N 51  
DG  "O4'" "C1'"  sing N N 52  
DG  "C3'" "O3'"  sing N N 53  
DG  "C3'" "C2'"  sing N N 54  
DG  "C3'" "H3'"  sing N N 55  
DG  "O3'" "HO3'" sing N N 56  
DG  "C2'" "C1'"  sing N N 57  
DG  "C2'" "H2'"  sing N N 58  
DG  "C2'" "H2''" sing N N 59  
DG  "C1'" N9     sing N N 60  
DG  "C1'" "H1'"  sing N N 61  
DG  N9    C8     sing Y N 62  
DG  N9    C4     sing Y N 63  
DG  C8    N7     doub Y N 64  
DG  C8    H8     sing N N 65  
DG  N7    C5     sing Y N 66  
DG  C5    C6     sing N N 67  
DG  C5    C4     doub Y N 68  
DG  C6    O6     doub N N 69  
DG  C6    N1     sing N N 70  
DG  N1    C2     sing N N 71  
DG  N1    H1     sing N N 72  
DG  C2    N2     sing N N 73  
DG  C2    N3     doub N N 74  
DG  N2    H21    sing N N 75  
DG  N2    H22    sing N N 76  
DG  N3    C4     sing N N 77  
DT  OP3   P      sing N N 78  
DT  OP3   HOP3   sing N N 79  
DT  P     OP1    doub N N 80  
DT  P     OP2    sing N N 81  
DT  P     "O5'"  sing N N 82  
DT  OP2   HOP2   sing N N 83  
DT  "O5'" "C5'"  sing N N 84  
DT  "C5'" "C4'"  sing N N 85  
DT  "C5'" "H5'"  sing N N 86  
DT  "C5'" "H5''" sing N N 87  
DT  "C4'" "O4'"  sing N N 88  
DT  "C4'" "C3'"  sing N N 89  
DT  "C4'" "H4'"  sing N N 90  
DT  "O4'" "C1'"  sing N N 91  
DT  "C3'" "O3'"  sing N N 92  
DT  "C3'" "C2'"  sing N N 93  
DT  "C3'" "H3'"  sing N N 94  
DT  "O3'" "HO3'" sing N N 95  
DT  "C2'" "C1'"  sing N N 96  
DT  "C2'" "H2'"  sing N N 97  
DT  "C2'" "H2''" sing N N 98  
DT  "C1'" N1     sing N N 99  
DT  "C1'" "H1'"  sing N N 100 
DT  N1    C2     sing N N 101 
DT  N1    C6     sing N N 102 
DT  C2    O2     doub N N 103 
DT  C2    N3     sing N N 104 
DT  N3    C4     sing N N 105 
DT  N3    H3     sing N N 106 
DT  C4    O4     doub N N 107 
DT  C4    C5     sing N N 108 
DT  C5    C7     sing N N 109 
DT  C5    C6     doub N N 110 
DT  C7    H71    sing N N 111 
DT  C7    H72    sing N N 112 
DT  C7    H73    sing N N 113 
DT  C6    H6     sing N N 114 
HOH O     H1     sing N N 115 
HOH O     H2     sing N N 116 
# 
loop_
_ndb_struct_conf_na.entry_id 
_ndb_struct_conf_na.feature 
5BZ7 'double helix'         
5BZ7 'b-form double helix'  
5BZ7 'mismatched base pair' 
# 
loop_
_ndb_struct_na_base_pair.model_number 
_ndb_struct_na_base_pair.i_label_asym_id 
_ndb_struct_na_base_pair.i_label_comp_id 
_ndb_struct_na_base_pair.i_label_seq_id 
_ndb_struct_na_base_pair.i_symmetry 
_ndb_struct_na_base_pair.j_label_asym_id 
_ndb_struct_na_base_pair.j_label_comp_id 
_ndb_struct_na_base_pair.j_label_seq_id 
_ndb_struct_na_base_pair.j_symmetry 
_ndb_struct_na_base_pair.shear 
_ndb_struct_na_base_pair.stretch 
_ndb_struct_na_base_pair.stagger 
_ndb_struct_na_base_pair.buckle 
_ndb_struct_na_base_pair.propeller 
_ndb_struct_na_base_pair.opening 
_ndb_struct_na_base_pair.pair_number 
_ndb_struct_na_base_pair.pair_name 
_ndb_struct_na_base_pair.i_auth_asym_id 
_ndb_struct_na_base_pair.i_auth_seq_id 
_ndb_struct_na_base_pair.i_PDB_ins_code 
_ndb_struct_na_base_pair.j_auth_asym_id 
_ndb_struct_na_base_pair.j_auth_seq_id 
_ndb_struct_na_base_pair.j_PDB_ins_code 
_ndb_struct_na_base_pair.hbond_type_28 
_ndb_struct_na_base_pair.hbond_type_12 
1 A DG 1  1_555 A DG 11 4_555 5.732  -0.466 0.038  30.305  -1.317  -107.957 1  A_DG1:DG11_A A 1  ? A 11 ? 7  4 
1 A DG 1  1_555 A DG 11 1_555 5.732  -0.466 0.038  30.305  -1.317  -107.957 2  A_DG1:DG11_A A 1  ? A 11 ? 7  4 
1 A DA 3  1_555 A DG 10 4_555 -6.716 -4.403 0.271  -24.748 -5.553  2.595    3  A_DA3:DG10_A A 3  ? A 10 ? 11 9 
1 A DA 4  1_555 A DT 9  4_555 -0.149 -0.133 -0.117 3.235   2.832   -1.127   4  A_DA4:DT9_A  A 4  ? A 9  ? 20 1 
1 A DA 5  1_555 A DT 8  4_555 -0.258 0.046  0.020  14.349  -13.369 2.038    5  A_DA5:DT8_A  A 5  ? A 8  ? 20 1 
1 A DA 6  1_555 A DT 7  4_555 -0.079 0.079  -0.086 5.158   -17.685 3.029    6  A_DA6:DT7_A  A 6  ? A 7  ? 20 1 
1 A DT 7  1_555 A DA 6  4_555 0.079  0.079  -0.086 -5.158  -17.684 3.029    7  A_DT7:DA6_A  A 7  ? A 6  ? 20 1 
1 A DT 8  1_555 A DA 5  4_555 0.258  0.046  0.020  -14.349 -13.369 2.038    8  A_DT8:DA5_A  A 8  ? A 5  ? 20 1 
1 A DT 9  1_555 A DA 4  4_555 0.149  -0.133 -0.117 -3.235  2.832   -1.127   9  A_DT9:DA4_A  A 9  ? A 4  ? 20 1 
1 A DG 10 1_555 A DA 3  4_555 6.716  -4.403 0.271  24.748  -5.553  2.595    10 A_DG10:DA3_A A 10 ? A 3  ? 11 9 
# 
loop_
_ndb_struct_na_base_pair_step.model_number 
_ndb_struct_na_base_pair_step.i_label_asym_id_1 
_ndb_struct_na_base_pair_step.i_label_comp_id_1 
_ndb_struct_na_base_pair_step.i_label_seq_id_1 
_ndb_struct_na_base_pair_step.i_symmetry_1 
_ndb_struct_na_base_pair_step.j_label_asym_id_1 
_ndb_struct_na_base_pair_step.j_label_comp_id_1 
_ndb_struct_na_base_pair_step.j_label_seq_id_1 
_ndb_struct_na_base_pair_step.j_symmetry_1 
_ndb_struct_na_base_pair_step.i_label_asym_id_2 
_ndb_struct_na_base_pair_step.i_label_comp_id_2 
_ndb_struct_na_base_pair_step.i_label_seq_id_2 
_ndb_struct_na_base_pair_step.i_symmetry_2 
_ndb_struct_na_base_pair_step.j_label_asym_id_2 
_ndb_struct_na_base_pair_step.j_label_comp_id_2 
_ndb_struct_na_base_pair_step.j_label_seq_id_2 
_ndb_struct_na_base_pair_step.j_symmetry_2 
_ndb_struct_na_base_pair_step.shift 
_ndb_struct_na_base_pair_step.slide 
_ndb_struct_na_base_pair_step.rise 
_ndb_struct_na_base_pair_step.tilt 
_ndb_struct_na_base_pair_step.roll 
_ndb_struct_na_base_pair_step.twist 
_ndb_struct_na_base_pair_step.x_displacement 
_ndb_struct_na_base_pair_step.y_displacement 
_ndb_struct_na_base_pair_step.helical_rise 
_ndb_struct_na_base_pair_step.inclination 
_ndb_struct_na_base_pair_step.tip 
_ndb_struct_na_base_pair_step.helical_twist 
_ndb_struct_na_base_pair_step.step_number 
_ndb_struct_na_base_pair_step.step_name 
_ndb_struct_na_base_pair_step.i_auth_asym_id_1 
_ndb_struct_na_base_pair_step.i_auth_seq_id_1 
_ndb_struct_na_base_pair_step.i_PDB_ins_code_1 
_ndb_struct_na_base_pair_step.j_auth_asym_id_1 
_ndb_struct_na_base_pair_step.j_auth_seq_id_1 
_ndb_struct_na_base_pair_step.j_PDB_ins_code_1 
_ndb_struct_na_base_pair_step.i_auth_asym_id_2 
_ndb_struct_na_base_pair_step.i_auth_seq_id_2 
_ndb_struct_na_base_pair_step.i_PDB_ins_code_2 
_ndb_struct_na_base_pair_step.j_auth_asym_id_2 
_ndb_struct_na_base_pair_step.j_auth_seq_id_2 
_ndb_struct_na_base_pair_step.j_PDB_ins_code_2 
1 A DA 3 1_555 A DG 10 4_555 A DA 4  1_555 A DT 9 4_555 -0.845 1.677  2.868 -0.263 3.070 59.642 1.548  0.837  2.947 3.084 0.264  
59.714 1 AA_DA3DA4:DT9DG10_AA A 3 ? A 10 ? A 4  ? A 9 ? 
1 A DA 4 1_555 A DT 9  4_555 A DA 5  1_555 A DT 8 4_555 -0.613 0.354  3.145 -1.830 3.844 30.098 -0.075 0.813  3.195 7.355 3.501  
30.390 2 AA_DA4DA5:DT8DT9_AA  A 4 ? A 9  ? A 5  ? A 8 ? 
1 A DA 5 1_555 A DT 8  4_555 A DA 6  1_555 A DT 7 4_555 -0.141 -0.110 3.428 -0.575 2.492 39.823 -0.462 0.137  3.417 3.654 0.843  
39.902 3 AA_DA5DA6:DT7DT8_AA  A 5 ? A 8  ? A 6  ? A 7 ? 
1 A DA 6 1_555 A DT 7  4_555 A DT 7  1_555 A DA 6 4_555 0.000  -0.707 3.468 0.000  3.297 33.862 -1.760 0.000  3.386 5.645 0.000  
34.017 4 AA_DA6DT7:DA6DT7_AA  A 6 ? A 7  ? A 7  ? A 6 ? 
1 A DT 7 1_555 A DA 6  4_555 A DT 8  1_555 A DA 5 4_555 0.141  -0.110 3.428 0.575  2.492 39.823 -0.462 -0.137 3.417 3.654 -0.843 
39.902 5 AA_DT7DT8:DA5DA6_AA  A 7 ? A 6  ? A 8  ? A 5 ? 
1 A DT 8 1_555 A DA 5  4_555 A DT 9  1_555 A DA 4 4_555 0.613  0.354  3.145 1.830  3.844 30.098 -0.075 -0.813 3.195 7.355 -3.501 
30.390 6 AA_DT8DT9:DA4DA5_AA  A 8 ? A 5  ? A 9  ? A 4 ? 
1 A DT 9 1_555 A DA 4  4_555 A DG 10 1_555 A DA 3 4_555 0.845  1.677  2.868 0.263  3.070 59.642 1.548  -0.837 2.947 3.084 -0.264 
59.714 7 AA_DT9DG10:DA3DA4_AA A 9 ? A 4  ? A 10 ? A 3 ? 
# 
loop_
_pdbx_entity_nonpoly.entity_id 
_pdbx_entity_nonpoly.name 
_pdbx_entity_nonpoly.comp_id 
2 'MAGNESIUM ION' MG  
3 water           HOH 
# 
_pdbx_initial_refinement_model.id               1 
_pdbx_initial_refinement_model.entity_id_list   ? 
_pdbx_initial_refinement_model.type             'experimental model' 
_pdbx_initial_refinement_model.source_name      PDB 
_pdbx_initial_refinement_model.accession_code   5BXW 
_pdbx_initial_refinement_model.details          ? 
# 
